data_1UPU
#
_entry.id   1UPU
#
_cell.length_a   60.280
_cell.length_b   141.770
_cell.length_c   71.420
_cell.angle_alpha   90.00
_cell.angle_beta   114.93
_cell.angle_gamma   90.00
#
_symmetry.space_group_name_H-M   'P 1 21 1'
#
loop_
_entity.id
_entity.type
_entity.pdbx_description
1 polymer 'URACIL PHOSPHORIBOSYLTRANSFERASE'
2 non-polymer 'PHOSPHATE ION'
3 non-polymer "URIDINE-5'-MONOPHOSPHATE"
4 water water
#
_entity_poly.entity_id   1
_entity_poly.type   'polypeptide(L)'
_entity_poly.pdbx_seq_one_letter_code
;QEESILQDIITRFPNVVLMKQTAQLRAMMTIIRDKETPKEEFVFYADRLIRLLIEEALNELPFQKKEVTTPLDVSYHGVS
FYSKICGVSIVRAGESMESGLRAVCRGVRIGKILIQRDETTAEPKLIYEKLPADIRERWVMLLDPMCATAGSVCKAIEVL
LRLGVKEERIIFVNILAAPQGIERVFKEYPKVRMVTAAVDICLNSRYYIVPGIGDFGDRYFGTM
;
_entity_poly.pdbx_strand_id   D,C,B,A
#
loop_
_chem_comp.id
_chem_comp.type
_chem_comp.name
_chem_comp.formula
PO4 non-polymer 'PHOSPHATE ION' 'O4 P -3'
U5P non-polymer URIDINE-5'-MONOPHOSPHATE 'C9 H13 N2 O9 P'
#
# COMPACT_ATOMS: atom_id res chain seq x y z
N GLN A 1 16.18 6.29 -34.64
CA GLN A 1 15.69 7.68 -34.57
C GLN A 1 15.49 8.10 -33.10
N GLU A 2 14.98 7.18 -32.30
CA GLU A 2 14.73 7.42 -30.89
C GLU A 2 16.08 7.51 -30.22
N GLU A 3 16.88 6.49 -30.50
CA GLU A 3 18.22 6.39 -29.95
C GLU A 3 18.96 7.68 -30.21
N SER A 4 18.94 8.09 -31.46
CA SER A 4 19.59 9.31 -31.87
C SER A 4 19.03 10.49 -31.11
N ILE A 5 17.70 10.54 -31.02
CA ILE A 5 17.05 11.62 -30.31
C ILE A 5 17.50 11.55 -28.86
N LEU A 6 17.38 10.36 -28.28
CA LEU A 6 17.79 10.15 -26.89
C LEU A 6 19.23 10.67 -26.60
N GLN A 7 20.17 10.22 -27.42
CA GLN A 7 21.58 10.60 -27.27
C GLN A 7 21.80 12.10 -27.38
N ASP A 8 21.20 12.71 -28.39
CA ASP A 8 21.34 14.14 -28.62
C ASP A 8 20.86 14.93 -27.39
N ILE A 9 19.77 14.45 -26.79
CA ILE A 9 19.23 15.14 -25.61
C ILE A 9 20.30 15.09 -24.54
N ILE A 10 20.74 13.85 -24.33
CA ILE A 10 21.78 13.49 -23.38
C ILE A 10 23.07 14.29 -23.64
N THR A 11 23.54 14.36 -24.89
CA THR A 11 24.73 15.12 -25.04
C THR A 11 24.54 16.63 -24.92
N ARG A 12 23.37 17.10 -25.35
CA ARG A 12 23.07 18.51 -25.28
C ARG A 12 22.79 19.02 -23.88
N PHE A 13 22.05 18.26 -23.07
CA PHE A 13 21.67 18.73 -21.72
C PHE A 13 22.20 17.89 -20.56
N PRO A 14 23.40 18.24 -20.09
CA PRO A 14 24.02 17.47 -19.02
C PRO A 14 23.20 17.32 -17.76
N ASN A 15 22.16 18.15 -17.62
CA ASN A 15 21.33 18.14 -16.44
C ASN A 15 20.12 17.28 -16.50
N VAL A 16 19.98 16.54 -17.57
CA VAL A 16 18.84 15.67 -17.62
C VAL A 16 19.33 14.29 -17.38
N VAL A 17 18.58 13.52 -16.61
CA VAL A 17 18.93 12.14 -16.36
C VAL A 17 17.78 11.28 -16.85
N LEU A 18 18.12 10.39 -17.73
CA LEU A 18 17.16 9.54 -18.35
C LEU A 18 17.19 8.21 -17.64
N MET A 19 16.03 7.70 -17.27
CA MET A 19 15.97 6.43 -16.62
C MET A 19 16.46 5.38 -17.56
N LYS A 20 17.10 4.34 -17.02
CA LYS A 20 17.60 3.24 -17.84
C LYS A 20 16.44 2.62 -18.59
N GLN A 21 16.63 2.48 -19.89
CA GLN A 21 15.63 1.95 -20.75
C GLN A 21 15.54 0.42 -20.68
N THR A 22 15.08 -0.11 -19.55
CA THR A 22 14.96 -1.54 -19.42
C THR A 22 13.71 -2.02 -20.11
N ALA A 23 13.65 -3.33 -20.31
CA ALA A 23 12.52 -3.97 -20.95
C ALA A 23 11.23 -3.78 -20.16
N GLN A 24 11.35 -3.90 -18.85
CA GLN A 24 10.20 -3.74 -17.98
C GLN A 24 9.67 -2.32 -18.14
N LEU A 25 10.57 -1.32 -18.16
CA LEU A 25 10.13 0.08 -18.30
C LEU A 25 9.37 0.21 -19.61
N ARG A 26 9.91 -0.42 -20.66
CA ARG A 26 9.25 -0.38 -21.94
C ARG A 26 7.88 -1.05 -21.81
N ALA A 27 7.81 -2.18 -21.13
CA ALA A 27 6.52 -2.85 -20.97
C ALA A 27 5.50 -1.94 -20.33
N MET A 28 5.94 -1.25 -19.31
CA MET A 28 5.06 -0.38 -18.60
C MET A 28 4.55 0.69 -19.54
N MET A 29 5.48 1.37 -20.22
CA MET A 29 5.13 2.42 -21.16
C MET A 29 4.16 1.95 -22.22
N THR A 30 4.28 0.70 -22.69
CA THR A 30 3.34 0.29 -23.72
C THR A 30 1.95 0.16 -23.16
N ILE A 31 1.87 -0.35 -21.95
CA ILE A 31 0.56 -0.49 -21.38
C ILE A 31 -0.04 0.90 -21.20
N ILE A 32 0.74 1.78 -20.64
CA ILE A 32 0.26 3.12 -20.39
C ILE A 32 -0.09 3.93 -21.62
N ARG A 33 0.63 3.70 -22.70
CA ARG A 33 0.41 4.46 -23.93
C ARG A 33 -0.76 3.93 -24.72
N ASP A 34 -0.99 2.64 -24.62
CA ASP A 34 -2.03 2.00 -25.34
C ASP A 34 -3.38 2.66 -25.09
N LYS A 35 -4.02 3.13 -26.17
CA LYS A 35 -5.37 3.75 -26.11
C LYS A 35 -6.30 2.75 -25.40
N GLU A 36 -6.23 1.50 -25.88
CA GLU A 36 -7.04 0.38 -25.44
C GLU A 36 -7.00 0.07 -23.96
N THR A 37 -5.99 0.58 -23.28
CA THR A 37 -5.86 0.26 -21.87
C THR A 37 -6.97 0.75 -20.96
N PRO A 38 -7.53 -0.16 -20.17
CA PRO A 38 -8.62 0.17 -19.23
C PRO A 38 -8.10 0.98 -18.05
N LYS A 39 -8.96 1.86 -17.54
CA LYS A 39 -8.59 2.73 -16.42
C LYS A 39 -7.92 2.12 -15.18
N GLU A 40 -8.42 1.01 -14.72
CA GLU A 40 -7.79 0.42 -13.54
C GLU A 40 -6.36 0.02 -13.91
N GLU A 41 -6.19 -0.52 -15.09
CA GLU A 41 -4.86 -0.92 -15.47
C GLU A 41 -3.97 0.29 -15.62
N PHE A 42 -4.47 1.32 -16.29
CA PHE A 42 -3.68 2.51 -16.49
C PHE A 42 -3.12 3.05 -15.18
N VAL A 43 -3.98 3.07 -14.17
CA VAL A 43 -3.59 3.57 -12.86
C VAL A 43 -2.54 2.67 -12.25
N PHE A 44 -2.81 1.38 -12.26
CA PHE A 44 -1.86 0.45 -11.71
C PHE A 44 -0.46 0.60 -12.34
N TYR A 45 -0.37 0.60 -13.65
CA TYR A 45 0.96 0.71 -14.21
C TYR A 45 1.57 2.09 -14.04
N ALA A 46 0.74 3.13 -14.17
CA ALA A 46 1.24 4.50 -14.00
C ALA A 46 1.86 4.57 -12.60
N ASP A 47 1.14 4.08 -11.62
CA ASP A 47 1.64 4.05 -10.26
C ASP A 47 2.97 3.33 -10.11
N ARG A 48 3.09 2.17 -10.75
CA ARG A 48 4.33 1.39 -10.67
C ARG A 48 5.49 2.13 -11.28
N LEU A 49 5.26 2.72 -12.42
CA LEU A 49 6.34 3.41 -13.07
C LEU A 49 6.78 4.65 -12.29
N ILE A 50 5.80 5.35 -11.71
CA ILE A 50 6.09 6.57 -10.96
C ILE A 50 7.04 6.33 -9.79
N ARG A 51 6.85 5.21 -9.09
CA ARG A 51 7.72 4.87 -7.98
C ARG A 51 9.15 4.67 -8.40
N LEU A 52 9.34 4.08 -9.56
CA LEU A 52 10.69 3.85 -9.99
C LEU A 52 11.30 5.20 -10.29
N LEU A 53 10.50 6.02 -10.96
CA LEU A 53 10.89 7.37 -11.35
C LEU A 53 11.32 8.12 -10.11
N ILE A 54 10.46 8.12 -9.11
CA ILE A 54 10.79 8.82 -7.87
C ILE A 54 12.11 8.36 -7.25
N GLU A 55 12.31 7.03 -7.25
CA GLU A 55 13.51 6.44 -6.68
C GLU A 55 14.72 6.95 -7.43
N GLU A 56 14.59 7.01 -8.73
CA GLU A 56 15.68 7.51 -9.51
C GLU A 56 15.99 9.00 -9.14
N ALA A 57 14.96 9.86 -9.13
CA ALA A 57 15.20 11.27 -8.82
C ALA A 57 15.84 11.50 -7.47
N LEU A 58 15.46 10.73 -6.49
CA LEU A 58 16.00 10.91 -5.16
C LEU A 58 17.53 10.83 -5.18
N ASN A 59 18.09 10.19 -6.21
CA ASN A 59 19.52 10.08 -6.26
C ASN A 59 20.18 11.41 -6.60
N GLU A 60 19.37 12.40 -6.92
CA GLU A 60 19.90 13.71 -7.25
C GLU A 60 20.14 14.53 -6.01
N LEU A 61 19.71 14.03 -4.86
CA LEU A 61 19.89 14.77 -3.61
C LEU A 61 21.33 14.63 -3.16
N PRO A 62 21.73 15.49 -2.25
CA PRO A 62 23.06 15.47 -1.69
C PRO A 62 23.12 14.47 -0.52
N PHE A 63 24.28 13.86 -0.31
CA PHE A 63 24.43 12.90 0.77
C PHE A 63 25.81 13.02 1.37
N GLN A 64 25.93 12.50 2.58
CA GLN A 64 27.17 12.54 3.30
C GLN A 64 27.58 11.11 3.57
N LYS A 65 28.84 10.90 3.93
CA LYS A 65 29.29 9.55 4.24
C LYS A 65 28.84 9.30 5.67
N LYS A 66 28.45 8.06 5.94
CA LYS A 66 28.04 7.69 7.27
C LYS A 66 28.52 6.27 7.53
N GLU A 67 29.10 6.07 8.70
CA GLU A 67 29.60 4.77 9.01
C GLU A 67 28.84 4.17 10.17
N VAL A 68 28.50 2.91 10.03
CA VAL A 68 27.77 2.24 11.09
C VAL A 68 28.37 0.92 11.42
N THR A 69 27.92 0.40 12.56
CA THR A 69 28.34 -0.89 12.98
C THR A 69 27.16 -1.85 12.85
N THR A 70 27.48 -2.96 12.21
CA THR A 70 26.59 -4.06 11.93
C THR A 70 26.37 -4.86 13.23
N PRO A 71 25.37 -5.74 13.28
CA PRO A 71 25.14 -6.51 14.50
C PRO A 71 26.24 -7.53 14.74
N LEU A 72 27.15 -7.62 13.79
CA LEU A 72 28.26 -8.51 13.85
C LEU A 72 29.43 -7.68 14.31
N ASP A 73 29.14 -6.55 14.93
CA ASP A 73 30.16 -5.63 15.44
C ASP A 73 31.25 -5.28 14.48
N VAL A 74 30.89 -5.10 13.22
CA VAL A 74 31.86 -4.72 12.23
C VAL A 74 31.29 -3.48 11.52
N SER A 75 32.18 -2.55 11.19
CA SER A 75 31.79 -1.31 10.58
C SER A 75 31.42 -1.39 9.14
N TYR A 76 30.46 -0.57 8.78
CA TYR A 76 30.06 -0.51 7.42
C TYR A 76 30.15 0.93 7.09
N HIS A 77 30.66 1.22 5.92
CA HIS A 77 30.77 2.58 5.50
C HIS A 77 29.74 2.89 4.52
N GLY A 78 28.81 3.71 4.92
CA GLY A 78 27.72 4.06 4.02
C GLY A 78 27.54 5.56 3.92
N VAL A 79 26.34 5.96 3.54
CA VAL A 79 26.06 7.35 3.40
C VAL A 79 24.68 7.55 3.90
N SER A 80 24.36 8.81 4.10
CA SER A 80 23.06 9.20 4.55
C SER A 80 22.68 10.46 3.86
N PHE A 81 21.38 10.61 3.69
CA PHE A 81 20.87 11.82 3.08
C PHE A 81 20.37 12.71 4.23
N TYR A 82 20.74 13.99 4.23
CA TYR A 82 20.35 14.91 5.32
C TYR A 82 19.58 16.18 4.92
N SER A 83 19.12 16.28 3.68
CA SER A 83 18.43 17.49 3.24
C SER A 83 16.93 17.64 3.56
N LYS A 84 16.48 18.91 3.60
CA LYS A 84 15.08 19.28 3.85
C LYS A 84 14.48 19.26 2.45
N ILE A 85 13.42 18.51 2.25
CA ILE A 85 12.86 18.48 0.91
C ILE A 85 11.38 18.58 0.98
N CYS A 86 10.78 18.61 -0.17
CA CYS A 86 9.34 18.68 -0.25
C CYS A 86 9.04 18.42 -1.72
N GLY A 87 7.79 18.09 -2.00
CA GLY A 87 7.38 17.85 -3.38
C GLY A 87 6.37 18.97 -3.72
N VAL A 88 6.33 19.35 -4.98
CA VAL A 88 5.39 20.39 -5.42
C VAL A 88 4.79 19.83 -6.65
N SER A 89 3.48 19.76 -6.65
CA SER A 89 2.77 19.20 -7.77
C SER A 89 2.04 20.25 -8.57
N ILE A 90 2.04 20.01 -9.87
CA ILE A 90 1.35 20.86 -10.77
C ILE A 90 -0.04 20.20 -10.92
N VAL A 91 -1.08 20.89 -10.46
CA VAL A 91 -2.44 20.37 -10.53
C VAL A 91 -2.99 20.43 -11.93
N ARG A 92 -3.62 19.34 -12.35
CA ARG A 92 -3.82 18.18 -11.48
C ARG A 92 -2.95 16.92 -11.81
N ALA A 93 -2.42 16.88 -13.03
CA ALA A 93 -1.60 15.75 -13.47
C ALA A 93 -0.46 15.40 -12.53
N GLY A 94 0.20 16.42 -12.03
CA GLY A 94 1.28 16.17 -11.11
C GLY A 94 0.78 15.56 -9.82
N GLU A 95 -0.47 15.80 -9.50
CA GLU A 95 -1.02 15.28 -8.28
C GLU A 95 -0.94 13.76 -8.25
N SER A 96 -1.05 13.16 -9.45
CA SER A 96 -0.97 11.71 -9.62
C SER A 96 0.38 11.14 -9.09
N MET A 97 1.37 12.02 -8.92
CA MET A 97 2.67 11.57 -8.48
C MET A 97 2.92 11.71 -7.01
N GLU A 98 2.07 12.48 -6.33
CA GLU A 98 2.26 12.65 -4.89
C GLU A 98 2.27 11.34 -4.11
N SER A 99 1.33 10.46 -4.40
CA SER A 99 1.25 9.20 -3.66
C SER A 99 2.57 8.46 -3.79
N GLY A 100 3.15 8.55 -4.97
CA GLY A 100 4.41 7.90 -5.20
C GLY A 100 5.44 8.42 -4.25
N LEU A 101 5.54 9.74 -4.19
CA LEU A 101 6.51 10.39 -3.35
C LEU A 101 6.19 10.16 -1.90
N ARG A 102 4.91 10.03 -1.57
CA ARG A 102 4.56 9.85 -0.18
C ARG A 102 4.89 8.44 0.32
N ALA A 103 4.86 7.48 -0.62
CA ALA A 103 5.17 6.08 -0.34
C ALA A 103 6.62 5.89 0.14
N VAL A 104 7.57 6.60 -0.47
CA VAL A 104 8.94 6.43 -0.07
C VAL A 104 9.53 7.43 0.90
N CYS A 105 8.89 8.57 1.04
CA CYS A 105 9.33 9.61 1.97
C CYS A 105 8.12 9.85 2.82
N ARG A 106 8.03 9.09 3.89
CA ARG A 106 6.90 9.21 4.78
C ARG A 106 6.63 10.65 5.24
N GLY A 107 5.37 11.09 5.11
CA GLY A 107 4.93 12.42 5.51
C GLY A 107 5.65 13.63 4.91
N VAL A 108 6.27 13.47 3.74
CA VAL A 108 6.98 14.58 3.11
C VAL A 108 6.01 15.72 2.90
N ARG A 109 6.45 16.95 3.07
CA ARG A 109 5.51 18.06 2.85
C ARG A 109 5.20 18.13 1.35
N ILE A 110 3.94 18.45 1.02
CA ILE A 110 3.49 18.56 -0.37
C ILE A 110 2.88 19.94 -0.69
N GLY A 111 3.47 20.66 -1.63
CA GLY A 111 2.94 21.93 -2.05
C GLY A 111 2.17 21.68 -3.37
N LYS A 112 1.15 22.49 -3.65
CA LYS A 112 0.39 22.34 -4.89
C LYS A 112 0.30 23.68 -5.64
N ILE A 113 0.46 23.63 -6.97
CA ILE A 113 0.39 24.82 -7.83
C ILE A 113 -0.62 24.61 -8.99
N LEU A 114 -1.54 25.55 -9.16
CA LEU A 114 -2.54 25.43 -10.21
C LEU A 114 -2.30 26.54 -11.21
N ILE A 115 -1.97 26.16 -12.41
CA ILE A 115 -1.66 27.11 -13.45
C ILE A 115 -2.63 27.01 -14.61
N GLN A 116 -3.00 28.14 -15.18
CA GLN A 116 -3.93 28.14 -16.27
C GLN A 116 -3.36 28.93 -17.40
N ARG A 117 -3.60 28.40 -18.59
CA ARG A 117 -3.17 29.06 -19.79
C ARG A 117 -4.29 30.06 -20.13
N ASP A 118 -3.91 31.29 -20.46
CA ASP A 118 -4.91 32.31 -20.78
C ASP A 118 -5.69 31.96 -22.07
N GLU A 119 -6.94 32.46 -22.12
CA GLU A 119 -7.88 32.25 -23.25
C GLU A 119 -7.62 33.11 -24.50
N THR A 120 -7.28 34.39 -24.28
CA THR A 120 -6.97 35.32 -25.37
C THR A 120 -5.70 34.81 -26.05
N THR A 121 -4.61 34.99 -25.32
CA THR A 121 -3.31 34.54 -25.74
C THR A 121 -3.32 33.09 -25.32
N ALA A 122 -2.57 32.83 -24.25
CA ALA A 122 -2.44 31.52 -23.66
C ALA A 122 -1.22 31.57 -22.76
N GLU A 123 -0.88 32.77 -22.29
CA GLU A 123 0.25 32.90 -21.41
C GLU A 123 -0.25 32.26 -20.12
N PRO A 124 0.54 31.38 -19.54
CA PRO A 124 0.11 30.70 -18.35
C PRO A 124 -0.08 31.68 -17.20
N LYS A 125 -1.12 31.42 -16.44
CA LYS A 125 -1.44 32.24 -15.30
C LYS A 125 -1.57 31.40 -14.05
N LEU A 126 -0.96 31.90 -12.99
CA LEU A 126 -0.98 31.26 -11.69
C LEU A 126 -2.41 31.40 -11.14
N ILE A 127 -3.12 30.30 -10.94
CA ILE A 127 -4.47 30.40 -10.44
C ILE A 127 -4.56 30.18 -8.98
N TYR A 128 -3.73 29.29 -8.46
CA TYR A 128 -3.79 28.97 -7.03
C TYR A 128 -2.54 28.23 -6.61
N GLU A 129 -2.16 28.38 -5.34
CA GLU A 129 -0.99 27.68 -4.82
C GLU A 129 -0.93 27.60 -3.31
N LYS A 130 -0.53 26.46 -2.76
CA LYS A 130 -0.37 26.35 -1.30
C LYS A 130 0.97 25.65 -1.18
N LEU A 131 1.91 26.32 -0.53
CA LEU A 131 3.26 25.80 -0.38
C LEU A 131 3.76 25.84 1.05
N PRO A 132 4.77 25.03 1.33
CA PRO A 132 5.34 25.04 2.65
C PRO A 132 5.88 26.44 2.86
N ALA A 133 5.81 26.87 4.10
CA ALA A 133 6.34 28.19 4.41
C ALA A 133 7.85 28.30 4.18
N ASP A 134 8.62 27.36 4.68
CA ASP A 134 10.08 27.44 4.54
C ASP A 134 10.59 26.84 3.26
N ILE A 135 9.74 26.83 2.25
CA ILE A 135 10.13 26.28 0.98
C ILE A 135 11.46 26.82 0.44
N ARG A 136 11.75 28.07 0.71
CA ARG A 136 12.99 28.68 0.20
C ARG A 136 14.20 27.94 0.66
N GLU A 137 14.07 27.25 1.77
CA GLU A 137 15.18 26.51 2.35
C GLU A 137 15.21 25.03 1.98
N ARG A 138 14.28 24.59 1.13
CA ARG A 138 14.19 23.19 0.73
C ARG A 138 14.62 22.82 -0.67
N TRP A 139 14.84 21.54 -0.86
CA TRP A 139 15.16 21.05 -2.17
C TRP A 139 13.73 20.77 -2.61
N VAL A 140 13.48 20.96 -3.90
CA VAL A 140 12.17 20.77 -4.46
C VAL A 140 11.97 19.68 -5.51
N MET A 141 11.08 18.76 -5.23
CA MET A 141 10.83 17.78 -6.24
C MET A 141 9.60 18.33 -6.89
N LEU A 142 9.77 18.79 -8.12
CA LEU A 142 8.68 19.37 -8.88
C LEU A 142 8.07 18.29 -9.77
N LEU A 143 6.80 17.97 -9.53
CA LEU A 143 6.10 16.89 -10.23
C LEU A 143 5.09 17.20 -11.36
N ASP A 144 5.40 16.73 -12.56
CA ASP A 144 4.51 16.93 -13.71
C ASP A 144 4.83 15.83 -14.74
N PRO A 145 3.95 14.88 -14.79
CA PRO A 145 4.17 13.75 -15.69
C PRO A 145 4.43 14.15 -17.17
N MET A 146 3.90 15.28 -17.65
CA MET A 146 4.14 15.60 -19.04
C MET A 146 4.67 16.96 -19.38
N CYS A 147 5.74 16.98 -20.17
CA CYS A 147 6.36 18.23 -20.55
C CYS A 147 6.36 18.42 -22.04
N ALA A 148 5.37 19.16 -22.52
CA ALA A 148 5.23 19.39 -23.95
C ALA A 148 5.85 20.73 -24.33
N THR A 149 5.12 21.80 -24.10
CA THR A 149 5.66 23.12 -24.44
C THR A 149 6.49 23.61 -23.30
N ALA A 150 6.32 22.99 -22.14
CA ALA A 150 7.05 23.42 -20.96
C ALA A 150 6.51 24.74 -20.40
N GLY A 151 5.43 25.24 -20.99
CA GLY A 151 4.84 26.49 -20.51
C GLY A 151 4.49 26.44 -19.02
N SER A 152 3.82 25.38 -18.61
CA SER A 152 3.41 25.24 -17.21
C SER A 152 4.57 25.13 -16.25
N VAL A 153 5.49 24.22 -16.54
CA VAL A 153 6.59 24.02 -15.67
C VAL A 153 7.47 25.27 -15.56
N CYS A 154 7.65 25.95 -16.66
CA CYS A 154 8.44 27.17 -16.59
C CYS A 154 7.74 28.20 -15.71
N LYS A 155 6.42 28.24 -15.73
CA LYS A 155 5.68 29.18 -14.89
C LYS A 155 5.87 28.76 -13.46
N ALA A 156 5.76 27.48 -13.19
CA ALA A 156 5.89 27.00 -11.81
C ALA A 156 7.24 27.36 -11.24
N ILE A 157 8.28 27.21 -12.06
CA ILE A 157 9.63 27.54 -11.62
C ILE A 157 9.77 29.02 -11.31
N GLU A 158 9.20 29.84 -12.18
CA GLU A 158 9.20 31.27 -12.00
C GLU A 158 8.68 31.61 -10.58
N VAL A 159 7.52 31.07 -10.23
CA VAL A 159 7.04 31.37 -8.91
C VAL A 159 7.94 30.83 -7.75
N LEU A 160 8.41 29.60 -7.92
CA LEU A 160 9.27 28.99 -6.94
C LEU A 160 10.49 29.92 -6.71
N LEU A 161 11.12 30.34 -7.79
CA LEU A 161 12.27 31.23 -7.71
C LEU A 161 11.87 32.52 -7.03
N ARG A 162 10.76 33.09 -7.45
CA ARG A 162 10.31 34.35 -6.83
C ARG A 162 10.20 34.26 -5.29
N LEU A 163 9.82 33.08 -4.83
CA LEU A 163 9.63 32.85 -3.40
C LEU A 163 10.94 32.61 -2.69
N GLY A 164 12.02 32.44 -3.47
CA GLY A 164 13.33 32.21 -2.86
C GLY A 164 14.00 30.83 -3.06
N VAL A 165 13.35 29.94 -3.80
CA VAL A 165 13.93 28.65 -4.02
C VAL A 165 15.17 28.77 -4.93
N LYS A 166 16.28 28.19 -4.51
CA LYS A 166 17.48 28.21 -5.31
C LYS A 166 17.24 27.36 -6.55
N GLU A 167 17.41 27.95 -7.72
CA GLU A 167 17.20 27.24 -8.97
C GLU A 167 17.91 25.88 -9.05
N GLU A 168 19.10 25.79 -8.47
CA GLU A 168 19.86 24.55 -8.54
C GLU A 168 19.37 23.49 -7.57
N ARG A 169 18.38 23.86 -6.75
CA ARG A 169 17.82 22.91 -5.80
C ARG A 169 16.47 22.37 -6.29
N ILE A 170 16.15 22.62 -7.55
CA ILE A 170 14.90 22.15 -8.13
C ILE A 170 15.08 20.92 -8.97
N ILE A 171 14.36 19.87 -8.63
CA ILE A 171 14.46 18.64 -9.39
C ILE A 171 13.11 18.39 -10.05
N PHE A 172 13.11 18.43 -11.37
CA PHE A 172 11.91 18.24 -12.15
C PHE A 172 11.76 16.77 -12.50
N VAL A 173 10.78 16.13 -11.86
CA VAL A 173 10.46 14.73 -12.08
C VAL A 173 9.31 14.58 -13.09
N ASN A 174 9.66 13.93 -14.19
CA ASN A 174 8.79 13.81 -15.31
C ASN A 174 8.70 12.39 -15.96
N ILE A 175 7.56 12.06 -16.52
CA ILE A 175 7.49 10.76 -17.15
C ILE A 175 7.85 10.80 -18.65
N LEU A 176 7.20 11.71 -19.37
CA LEU A 176 7.37 11.81 -20.81
C LEU A 176 7.59 13.31 -21.27
N ALA A 177 8.65 13.54 -22.04
CA ALA A 177 8.96 14.88 -22.49
C ALA A 177 9.05 14.97 -23.99
N ALA A 178 9.05 16.18 -24.51
CA ALA A 178 9.22 16.43 -25.94
C ALA A 178 10.47 17.25 -25.96
N PRO A 179 11.31 16.98 -26.93
CA PRO A 179 12.58 17.69 -27.08
C PRO A 179 12.40 19.22 -26.92
N GLN A 180 11.34 19.71 -27.51
CA GLN A 180 11.11 21.11 -27.43
C GLN A 180 10.88 21.63 -26.01
N GLY A 181 10.09 20.90 -25.21
CA GLY A 181 9.85 21.31 -23.82
C GLY A 181 11.20 21.30 -23.11
N ILE A 182 11.97 20.26 -23.36
CA ILE A 182 13.29 20.11 -22.76
C ILE A 182 14.13 21.29 -23.03
N GLU A 183 14.29 21.62 -24.32
CA GLU A 183 15.09 22.80 -24.72
C GLU A 183 14.64 24.06 -23.96
N ARG A 184 13.33 24.30 -23.91
CA ARG A 184 12.82 25.47 -23.23
C ARG A 184 13.17 25.55 -21.76
N VAL A 185 12.99 24.47 -21.04
CA VAL A 185 13.30 24.59 -19.63
C VAL A 185 14.77 24.94 -19.39
N PHE A 186 15.66 24.33 -20.15
CA PHE A 186 17.06 24.61 -19.95
C PHE A 186 17.54 25.95 -20.48
N LYS A 187 16.85 26.46 -21.49
CA LYS A 187 17.22 27.77 -22.02
C LYS A 187 16.79 28.80 -20.92
N GLU A 188 15.69 28.54 -20.20
CA GLU A 188 15.25 29.45 -19.13
C GLU A 188 15.90 29.19 -17.79
N TYR A 189 15.98 27.92 -17.39
CA TYR A 189 16.60 27.58 -16.10
C TYR A 189 17.65 26.53 -16.23
N PRO A 190 18.81 26.91 -16.74
CA PRO A 190 19.89 25.99 -16.95
C PRO A 190 20.32 25.19 -15.75
N LYS A 191 20.13 25.72 -14.55
CA LYS A 191 20.57 25.02 -13.35
C LYS A 191 19.66 23.92 -12.77
N VAL A 192 18.40 23.85 -13.17
CA VAL A 192 17.57 22.81 -12.57
C VAL A 192 17.99 21.43 -13.06
N ARG A 193 17.55 20.37 -12.39
CA ARG A 193 17.87 19.03 -12.88
C ARG A 193 16.55 18.42 -13.34
N MET A 194 16.57 17.59 -14.36
CA MET A 194 15.35 16.96 -14.83
C MET A 194 15.52 15.43 -14.97
N VAL A 195 14.63 14.69 -14.37
CA VAL A 195 14.66 13.25 -14.49
C VAL A 195 13.39 12.82 -15.26
N THR A 196 13.56 12.08 -16.35
CA THR A 196 12.41 11.64 -17.16
C THR A 196 12.51 10.16 -17.52
N ALA A 197 11.39 9.57 -17.93
CA ALA A 197 11.39 8.18 -18.32
C ALA A 197 11.46 8.06 -19.79
N ALA A 198 11.06 9.09 -20.51
CA ALA A 198 11.04 8.98 -21.95
C ALA A 198 11.05 10.29 -22.68
N VAL A 199 11.58 10.29 -23.90
CA VAL A 199 11.59 11.48 -24.75
C VAL A 199 10.93 11.10 -26.06
N ASP A 200 9.82 11.73 -26.39
CA ASP A 200 9.11 11.43 -27.63
C ASP A 200 9.60 12.34 -28.75
N ILE A 201 9.00 12.16 -29.92
CA ILE A 201 9.36 12.85 -31.16
C ILE A 201 8.98 14.33 -31.32
N CYS A 202 7.68 14.58 -31.31
CA CYS A 202 7.20 15.91 -31.49
C CYS A 202 5.86 16.19 -30.80
N LEU A 203 5.38 17.40 -31.01
CA LEU A 203 4.14 17.87 -30.48
C LEU A 203 3.24 18.08 -31.67
N ASN A 204 1.93 18.03 -31.44
CA ASN A 204 0.99 18.29 -32.52
C ASN A 204 0.42 19.68 -32.37
N SER A 205 -0.33 20.09 -33.36
CA SER A 205 -0.90 21.42 -33.36
C SER A 205 -1.68 21.65 -32.11
N ARG A 206 -2.08 20.54 -31.48
CA ARG A 206 -2.87 20.61 -30.27
C ARG A 206 -1.94 20.60 -29.10
N TYR A 207 -0.64 20.48 -29.38
CA TYR A 207 0.37 20.49 -28.35
C TYR A 207 0.44 19.23 -27.50
N TYR A 208 0.04 18.12 -28.09
CA TYR A 208 0.09 16.87 -27.40
C TYR A 208 1.39 16.27 -27.89
N ILE A 209 2.10 15.54 -27.03
CA ILE A 209 3.32 14.90 -27.46
C ILE A 209 2.90 13.69 -28.33
N VAL A 210 3.71 13.35 -29.28
CA VAL A 210 3.45 12.19 -30.10
C VAL A 210 4.77 11.41 -30.17
N PRO A 211 4.71 10.08 -30.18
CA PRO A 211 3.45 9.32 -30.16
C PRO A 211 2.65 9.61 -28.89
N GLY A 212 3.35 10.02 -27.85
CA GLY A 212 2.71 10.42 -26.61
C GLY A 212 1.88 9.43 -25.84
N ILE A 213 1.00 9.97 -25.02
CA ILE A 213 0.15 9.16 -24.15
C ILE A 213 -1.28 9.68 -24.06
N GLY A 214 -1.58 10.77 -24.63
CA GLY A 214 -2.89 11.47 -24.59
C GLY A 214 -2.87 12.41 -23.43
N ASP A 215 -4.04 12.63 -22.84
CA ASP A 215 -4.12 13.53 -21.69
C ASP A 215 -3.92 12.74 -20.42
N PHE A 216 -2.71 12.86 -19.87
CA PHE A 216 -2.39 12.12 -18.69
C PHE A 216 -3.42 12.24 -17.55
N GLY A 217 -3.74 13.50 -17.21
CA GLY A 217 -4.68 13.83 -16.13
C GLY A 217 -6.04 13.24 -16.31
N ASP A 218 -6.56 13.32 -17.54
CA ASP A 218 -7.88 12.78 -17.81
C ASP A 218 -7.85 11.28 -17.68
N ARG A 219 -6.74 10.68 -18.12
CA ARG A 219 -6.59 9.23 -18.08
C ARG A 219 -6.40 8.73 -16.68
N TYR A 220 -5.53 9.38 -15.93
CA TYR A 220 -5.27 8.93 -14.58
C TYR A 220 -6.46 9.15 -13.60
N PHE A 221 -7.18 10.25 -13.78
CA PHE A 221 -8.29 10.54 -12.87
C PHE A 221 -9.62 10.05 -13.37
N GLY A 222 -9.63 9.64 -14.65
CA GLY A 222 -10.81 9.11 -15.31
C GLY A 222 -11.87 10.16 -15.63
N THR A 223 -11.42 11.33 -16.05
CA THR A 223 -12.34 12.42 -16.41
C THR A 223 -12.27 12.63 -17.90
N MET A 224 -12.28 11.56 -18.68
CA MET A 224 -12.18 11.68 -20.12
C MET A 224 -13.25 12.59 -20.72
N GLN B 1 -32.22 -21.36 10.71
CA GLN B 1 -31.24 -20.93 9.70
C GLN B 1 -30.12 -20.08 10.30
N GLU B 2 -29.39 -19.38 9.42
CA GLU B 2 -28.30 -18.55 9.87
C GLU B 2 -28.62 -17.63 11.07
N GLU B 3 -29.80 -16.98 11.07
CA GLU B 3 -30.10 -16.12 12.19
C GLU B 3 -30.21 -16.83 13.51
N SER B 4 -30.69 -18.04 13.44
CA SER B 4 -30.83 -18.84 14.64
C SER B 4 -29.41 -19.08 15.13
N ILE B 5 -28.62 -19.67 14.25
CA ILE B 5 -27.24 -19.99 14.54
C ILE B 5 -26.48 -18.86 15.22
N LEU B 6 -26.36 -17.72 14.54
CA LEU B 6 -25.66 -16.57 15.10
C LEU B 6 -26.13 -16.24 16.50
N GLN B 7 -27.43 -16.30 16.66
CA GLN B 7 -28.01 -16.01 17.93
C GLN B 7 -27.52 -16.97 19.03
N ASP B 8 -27.56 -18.27 18.75
CA ASP B 8 -27.13 -19.31 19.70
C ASP B 8 -25.71 -19.08 20.19
N ILE B 9 -24.82 -18.99 19.22
CA ILE B 9 -23.39 -18.77 19.42
C ILE B 9 -23.16 -17.51 20.25
N ILE B 10 -23.73 -16.40 19.78
CA ILE B 10 -23.63 -15.13 20.47
C ILE B 10 -24.10 -15.31 21.92
N THR B 11 -25.20 -16.04 22.09
CA THR B 11 -25.74 -16.31 23.42
C THR B 11 -24.88 -17.26 24.27
N ARG B 12 -24.39 -18.34 23.67
CA ARG B 12 -23.63 -19.32 24.41
C ARG B 12 -22.19 -18.99 24.58
N PHE B 13 -21.71 -18.09 23.76
CA PHE B 13 -20.32 -17.77 23.88
C PHE B 13 -20.04 -16.33 23.95
N PRO B 14 -20.10 -15.83 25.16
CA PRO B 14 -19.88 -14.43 25.40
C PRO B 14 -18.52 -13.90 24.93
N ASN B 15 -17.55 -14.76 24.64
CA ASN B 15 -16.27 -14.25 24.15
C ASN B 15 -16.09 -14.23 22.66
N VAL B 16 -17.16 -14.32 21.90
CA VAL B 16 -16.96 -14.25 20.47
C VAL B 16 -17.52 -12.95 19.96
N VAL B 17 -16.83 -12.36 19.01
CA VAL B 17 -17.23 -11.11 18.45
C VAL B 17 -17.46 -11.35 16.99
N LEU B 18 -18.66 -11.06 16.56
CA LEU B 18 -19.02 -11.20 15.15
C LEU B 18 -18.93 -9.82 14.58
N MET B 19 -18.40 -9.67 13.41
CA MET B 19 -18.32 -8.34 12.88
C MET B 19 -19.69 -7.94 12.45
N LYS B 20 -19.92 -6.64 12.33
CA LYS B 20 -21.25 -6.22 11.89
C LYS B 20 -21.45 -6.74 10.50
N GLN B 21 -22.55 -7.41 10.33
CA GLN B 21 -22.87 -7.99 9.07
C GLN B 21 -23.43 -6.91 8.16
N THR B 22 -22.57 -6.13 7.56
CA THR B 22 -23.01 -5.07 6.66
C THR B 22 -23.19 -5.59 5.25
N ALA B 23 -23.85 -4.82 4.40
CA ALA B 23 -24.03 -5.29 3.07
C ALA B 23 -22.70 -5.37 2.37
N GLN B 24 -21.82 -4.44 2.66
CA GLN B 24 -20.52 -4.48 2.03
C GLN B 24 -19.87 -5.78 2.47
N LEU B 25 -19.90 -6.08 3.76
CA LEU B 25 -19.23 -7.29 4.25
C LEU B 25 -19.75 -8.47 3.50
N ARG B 26 -21.05 -8.51 3.37
CA ARG B 26 -21.65 -9.59 2.67
C ARG B 26 -21.15 -9.62 1.24
N ALA B 27 -21.11 -8.45 0.60
CA ALA B 27 -20.67 -8.39 -0.77
C ALA B 27 -19.26 -8.97 -0.90
N MET B 28 -18.37 -8.61 0.02
CA MET B 28 -16.99 -9.14 -0.05
C MET B 28 -17.00 -10.67 0.10
N MET B 29 -17.76 -11.14 1.07
CA MET B 29 -17.88 -12.54 1.29
C MET B 29 -18.42 -13.18 0.04
N THR B 30 -19.37 -12.55 -0.67
CA THR B 30 -19.85 -13.26 -1.86
C THR B 30 -18.82 -13.42 -2.94
N ILE B 31 -18.00 -12.41 -3.11
CA ILE B 31 -16.99 -12.54 -4.11
C ILE B 31 -16.01 -13.60 -3.64
N ILE B 32 -15.50 -13.51 -2.40
CA ILE B 32 -14.51 -14.53 -1.97
C ILE B 32 -15.00 -15.99 -1.97
N ARG B 33 -16.28 -16.21 -1.68
CA ARG B 33 -16.77 -17.59 -1.68
C ARG B 33 -16.99 -18.13 -3.11
N ASP B 34 -17.39 -17.24 -4.02
CA ASP B 34 -17.67 -17.61 -5.39
C ASP B 34 -16.55 -18.41 -5.97
N LYS B 35 -16.88 -19.60 -6.43
CA LYS B 35 -15.86 -20.46 -6.99
C LYS B 35 -15.35 -19.99 -8.33
N GLU B 36 -16.04 -19.05 -8.92
CA GLU B 36 -15.61 -18.58 -10.23
C GLU B 36 -14.71 -17.34 -10.15
N THR B 37 -14.49 -16.80 -8.96
CA THR B 37 -13.66 -15.63 -8.87
C THR B 37 -12.20 -15.89 -9.10
N PRO B 38 -11.62 -15.09 -10.00
CA PRO B 38 -10.19 -15.15 -10.34
C PRO B 38 -9.28 -14.78 -9.17
N LYS B 39 -8.10 -15.37 -9.16
CA LYS B 39 -7.13 -15.19 -8.09
C LYS B 39 -6.75 -13.77 -7.69
N GLU B 40 -6.72 -12.87 -8.62
CA GLU B 40 -6.39 -11.50 -8.28
C GLU B 40 -7.55 -10.91 -7.50
N GLU B 41 -8.75 -11.09 -7.99
CA GLU B 41 -9.90 -10.56 -7.28
C GLU B 41 -9.94 -11.15 -5.89
N PHE B 42 -9.80 -12.48 -5.84
CA PHE B 42 -9.81 -13.20 -4.57
C PHE B 42 -8.85 -12.56 -3.55
N VAL B 43 -7.64 -12.28 -4.00
CA VAL B 43 -6.68 -11.66 -3.15
C VAL B 43 -7.05 -10.22 -2.77
N PHE B 44 -7.52 -9.44 -3.74
CA PHE B 44 -7.84 -8.04 -3.46
C PHE B 44 -8.92 -7.93 -2.42
N TYR B 45 -9.98 -8.70 -2.64
CA TYR B 45 -11.10 -8.71 -1.73
C TYR B 45 -10.81 -9.31 -0.32
N ALA B 46 -10.03 -10.38 -0.26
CA ALA B 46 -9.66 -11.01 1.02
C ALA B 46 -8.86 -10.04 1.85
N ASP B 47 -7.94 -9.32 1.17
CA ASP B 47 -7.10 -8.32 1.86
C ASP B 47 -7.99 -7.20 2.42
N ARG B 48 -8.93 -6.76 1.63
CA ARG B 48 -9.80 -5.70 2.07
C ARG B 48 -10.57 -6.13 3.32
N LEU B 49 -11.09 -7.33 3.28
CA LEU B 49 -11.89 -7.80 4.37
C LEU B 49 -11.04 -8.11 5.55
N ILE B 50 -9.85 -8.59 5.30
CA ILE B 50 -8.99 -8.90 6.41
C ILE B 50 -8.64 -7.59 7.13
N ARG B 51 -8.48 -6.52 6.35
CA ARG B 51 -8.19 -5.24 6.95
C ARG B 51 -9.32 -4.84 7.95
N LEU B 52 -10.56 -4.96 7.54
CA LEU B 52 -11.64 -4.60 8.45
C LEU B 52 -11.63 -5.48 9.70
N LEU B 53 -11.33 -6.74 9.49
CA LEU B 53 -11.33 -7.70 10.55
C LEU B 53 -10.34 -7.33 11.65
N ILE B 54 -9.10 -7.06 11.26
CA ILE B 54 -8.06 -6.66 12.21
C ILE B 54 -8.42 -5.36 12.96
N GLU B 55 -9.02 -4.43 12.25
CA GLU B 55 -9.35 -3.18 12.91
C GLU B 55 -10.33 -3.50 13.99
N GLU B 56 -11.22 -4.46 13.71
CA GLU B 56 -12.23 -4.83 14.68
C GLU B 56 -11.59 -5.51 15.90
N ALA B 57 -10.66 -6.42 15.63
CA ALA B 57 -9.95 -7.17 16.65
C ALA B 57 -9.14 -6.25 17.61
N LEU B 58 -8.51 -5.24 17.04
CA LEU B 58 -7.74 -4.33 17.85
C LEU B 58 -8.58 -3.73 18.97
N ASN B 59 -9.89 -3.70 18.83
CA ASN B 59 -10.67 -3.14 19.91
C ASN B 59 -10.68 -4.05 21.15
N GLU B 60 -10.18 -5.27 21.00
CA GLU B 60 -10.17 -6.18 22.13
C GLU B 60 -9.08 -5.87 23.10
N LEU B 61 -8.15 -5.00 22.70
CA LEU B 61 -7.04 -4.62 23.55
C LEU B 61 -7.39 -3.61 24.66
N PRO B 62 -6.60 -3.66 25.70
CA PRO B 62 -6.75 -2.76 26.84
C PRO B 62 -6.34 -1.34 26.45
N PHE B 63 -7.04 -0.35 26.99
CA PHE B 63 -6.73 1.04 26.70
C PHE B 63 -6.80 1.97 27.91
N GLN B 64 -5.97 2.99 27.85
CA GLN B 64 -5.85 4.00 28.88
C GLN B 64 -6.56 5.28 28.44
N LYS B 65 -6.92 6.09 29.41
CA LYS B 65 -7.56 7.34 29.09
C LYS B 65 -6.41 8.29 28.87
N LYS B 66 -6.60 9.20 27.93
CA LYS B 66 -5.57 10.17 27.62
C LYS B 66 -6.18 11.51 27.20
N GLU B 67 -5.64 12.56 27.75
CA GLU B 67 -6.16 13.86 27.41
C GLU B 67 -5.08 14.59 26.65
N VAL B 68 -5.50 15.30 25.61
CA VAL B 68 -4.56 16.04 24.79
C VAL B 68 -5.11 17.40 24.55
N THR B 69 -4.22 18.24 24.10
CA THR B 69 -4.64 19.57 23.78
C THR B 69 -4.51 19.73 22.30
N THR B 70 -5.63 20.12 21.74
CA THR B 70 -5.84 20.34 20.33
C THR B 70 -5.09 21.62 19.90
N PRO B 71 -5.07 21.92 18.60
CA PRO B 71 -4.35 23.11 18.16
C PRO B 71 -5.14 24.36 18.51
N LEU B 72 -6.39 24.18 18.90
CA LEU B 72 -7.20 25.30 19.29
C LEU B 72 -6.90 25.61 20.72
N ASP B 73 -5.87 24.94 21.25
CA ASP B 73 -5.46 25.16 22.63
C ASP B 73 -6.57 24.81 23.60
N VAL B 74 -7.20 23.67 23.36
CA VAL B 74 -8.28 23.22 24.20
C VAL B 74 -8.12 21.70 24.42
N SER B 75 -8.60 21.19 25.54
CA SER B 75 -8.45 19.78 25.86
C SER B 75 -9.39 18.84 25.18
N TYR B 76 -8.91 17.64 24.91
CA TYR B 76 -9.76 16.64 24.33
C TYR B 76 -9.46 15.39 25.13
N HIS B 77 -10.49 14.66 25.52
CA HIS B 77 -10.30 13.47 26.31
C HIS B 77 -10.40 12.24 25.48
N GLY B 78 -9.22 11.69 25.18
CA GLY B 78 -9.13 10.51 24.35
C GLY B 78 -8.73 9.29 25.14
N VAL B 79 -8.19 8.32 24.42
CA VAL B 79 -7.79 7.09 25.02
C VAL B 79 -6.50 6.73 24.32
N SER B 80 -5.75 5.85 24.95
CA SER B 80 -4.49 5.38 24.38
C SER B 80 -4.39 3.87 24.60
N PHE B 81 -3.82 3.19 23.62
CA PHE B 81 -3.65 1.76 23.71
C PHE B 81 -2.20 1.59 24.00
N TYR B 82 -1.92 1.00 25.15
CA TYR B 82 -0.55 0.84 25.62
C TYR B 82 0.09 -0.56 25.62
N SER B 83 -0.70 -1.60 25.48
CA SER B 83 -0.13 -2.94 25.50
C SER B 83 0.91 -3.35 24.44
N LYS B 84 1.79 -4.27 24.83
CA LYS B 84 2.77 -4.79 23.92
C LYS B 84 2.04 -5.99 23.26
N ILE B 85 2.15 -6.11 21.96
CA ILE B 85 1.47 -7.18 21.29
C ILE B 85 2.32 -7.79 20.21
N CYS B 86 1.73 -8.71 19.49
CA CYS B 86 2.39 -9.37 18.40
C CYS B 86 1.32 -10.15 17.71
N GLY B 87 1.63 -10.49 16.48
CA GLY B 87 0.74 -11.30 15.68
C GLY B 87 1.38 -12.68 15.63
N VAL B 88 0.57 -13.73 15.59
CA VAL B 88 1.06 -15.10 15.50
C VAL B 88 0.33 -15.81 14.36
N SER B 89 1.04 -16.06 13.26
CA SER B 89 0.45 -16.71 12.10
C SER B 89 0.45 -18.18 12.18
N ILE B 90 -0.66 -18.76 11.81
CA ILE B 90 -0.71 -20.18 11.74
C ILE B 90 -0.34 -20.47 10.28
N VAL B 91 0.84 -21.07 10.05
CA VAL B 91 1.30 -21.36 8.69
C VAL B 91 0.51 -22.52 8.10
N ARG B 92 0.07 -22.41 6.84
CA ARG B 92 0.36 -21.25 5.98
C ARG B 92 -0.76 -20.20 5.83
N ALA B 93 -1.99 -20.67 5.94
CA ALA B 93 -3.22 -19.86 5.85
C ALA B 93 -3.18 -18.51 6.62
N GLY B 94 -2.81 -18.56 7.88
CA GLY B 94 -2.77 -17.34 8.64
C GLY B 94 -1.79 -16.33 8.06
N GLU B 95 -0.79 -16.77 7.32
CA GLU B 95 0.20 -15.83 6.81
C GLU B 95 -0.44 -14.72 5.98
N SER B 96 -1.53 -15.08 5.31
CA SER B 96 -2.32 -14.10 4.52
C SER B 96 -2.81 -12.89 5.35
N MET B 97 -2.93 -13.06 6.67
CA MET B 97 -3.40 -12.00 7.55
C MET B 97 -2.29 -11.13 8.06
N GLU B 98 -1.07 -11.55 7.82
CA GLU B 98 0.05 -10.73 8.29
C GLU B 98 0.07 -9.31 7.73
N SER B 99 0.05 -9.18 6.41
CA SER B 99 0.11 -7.87 5.76
C SER B 99 -0.91 -6.92 6.33
N GLY B 100 -2.10 -7.43 6.53
CA GLY B 100 -3.14 -6.61 7.10
C GLY B 100 -2.69 -6.06 8.45
N LEU B 101 -2.17 -6.94 9.31
CA LEU B 101 -1.70 -6.52 10.63
C LEU B 101 -0.54 -5.52 10.57
N ARG B 102 0.36 -5.75 9.63
CA ARG B 102 1.47 -4.86 9.50
C ARG B 102 1.06 -3.57 8.88
N ALA B 103 -0.08 -3.56 8.22
CA ALA B 103 -0.57 -2.35 7.60
C ALA B 103 -1.03 -1.42 8.69
N VAL B 104 -1.73 -1.93 9.70
CA VAL B 104 -2.22 -1.06 10.75
C VAL B 104 -1.31 -0.89 11.94
N CYS B 105 -0.44 -1.86 12.13
CA CYS B 105 0.50 -1.81 13.21
C CYS B 105 1.89 -1.93 12.60
N ARG B 106 2.46 -0.81 12.24
CA ARG B 106 3.76 -0.86 11.61
C ARG B 106 4.83 -1.56 12.45
N GLY B 107 5.58 -2.43 11.79
CA GLY B 107 6.64 -3.22 12.42
C GLY B 107 6.22 -4.08 13.63
N VAL B 108 4.92 -4.39 13.79
CA VAL B 108 4.50 -5.23 14.92
C VAL B 108 5.26 -6.57 14.79
N ARG B 109 5.62 -7.17 15.93
CA ARG B 109 6.35 -8.44 15.89
C ARG B 109 5.46 -9.58 15.41
N ILE B 110 6.01 -10.40 14.53
CA ILE B 110 5.23 -11.50 13.97
C ILE B 110 5.81 -12.89 14.26
N GLY B 111 5.08 -13.69 14.99
CA GLY B 111 5.50 -15.05 15.29
C GLY B 111 4.84 -15.97 14.28
N LYS B 112 5.43 -17.13 14.10
CA LYS B 112 4.90 -18.13 13.17
C LYS B 112 4.89 -19.55 13.74
N ILE B 113 3.82 -20.26 13.44
CA ILE B 113 3.67 -21.65 13.87
C ILE B 113 3.14 -22.52 12.74
N LEU B 114 3.86 -23.60 12.46
CA LEU B 114 3.48 -24.57 11.43
C LEU B 114 3.05 -25.84 12.10
N ILE B 115 1.75 -26.06 12.05
CA ILE B 115 1.20 -27.23 12.66
C ILE B 115 0.69 -28.10 11.53
N GLN B 116 0.94 -29.40 11.58
CA GLN B 116 0.45 -30.31 10.53
C GLN B 116 -0.21 -31.62 11.10
N ARG B 117 -1.28 -32.10 10.47
CA ARG B 117 -1.92 -33.34 10.96
C ARG B 117 -1.23 -34.56 10.37
N ASP B 118 -0.90 -35.53 11.21
CA ASP B 118 -0.23 -36.73 10.71
C ASP B 118 -0.96 -37.40 9.55
N GLU B 119 -0.24 -37.63 8.47
CA GLU B 119 -0.80 -38.26 7.27
C GLU B 119 -1.57 -39.54 7.54
N THR B 120 -1.29 -40.20 8.65
CA THR B 120 -1.99 -41.44 8.92
C THR B 120 -2.90 -41.34 10.13
N THR B 121 -2.28 -40.80 11.14
CA THR B 121 -2.88 -40.64 12.40
C THR B 121 -3.81 -39.47 12.50
N ALA B 122 -3.54 -38.42 11.72
CA ALA B 122 -4.37 -37.22 11.77
C ALA B 122 -4.12 -36.33 13.01
N GLU B 123 -3.18 -36.70 13.84
CA GLU B 123 -2.87 -35.90 14.99
C GLU B 123 -2.13 -34.70 14.48
N PRO B 124 -2.55 -33.54 14.94
CA PRO B 124 -1.91 -32.28 14.59
C PRO B 124 -0.62 -32.19 15.40
N LYS B 125 0.45 -31.88 14.72
CA LYS B 125 1.72 -31.83 15.39
C LYS B 125 2.47 -30.59 15.03
N LEU B 126 3.16 -30.03 16.01
CA LEU B 126 3.95 -28.85 15.84
C LEU B 126 5.14 -29.27 14.96
N ILE B 127 5.26 -28.66 13.78
CA ILE B 127 6.33 -28.93 12.86
C ILE B 127 7.42 -27.88 12.96
N TYR B 128 7.00 -26.62 13.09
CA TYR B 128 7.92 -25.48 13.11
C TYR B 128 7.35 -24.26 13.84
N GLU B 129 8.16 -23.56 14.63
CA GLU B 129 7.70 -22.37 15.31
C GLU B 129 8.85 -21.38 15.45
N LYS B 130 8.52 -20.09 15.36
CA LYS B 130 9.50 -19.03 15.52
C LYS B 130 8.67 -17.91 16.13
N LEU B 131 8.87 -17.65 17.41
CA LEU B 131 8.10 -16.63 18.13
C LEU B 131 8.99 -15.62 18.83
N PRO B 132 8.45 -14.46 19.15
CA PRO B 132 9.21 -13.44 19.85
C PRO B 132 9.66 -14.03 21.15
N ALA B 133 10.85 -13.63 21.58
CA ALA B 133 11.37 -14.14 22.81
C ALA B 133 10.54 -13.82 24.01
N ASP B 134 9.85 -12.68 23.99
CA ASP B 134 9.12 -12.27 25.18
C ASP B 134 7.63 -12.43 25.08
N ILE B 135 7.23 -13.26 24.13
CA ILE B 135 5.82 -13.48 23.87
C ILE B 135 4.96 -13.65 25.13
N ARG B 136 5.53 -14.25 26.16
CA ARG B 136 4.78 -14.45 27.40
C ARG B 136 4.30 -13.13 27.96
N GLU B 137 5.03 -12.05 27.67
CA GLU B 137 4.67 -10.73 28.19
C GLU B 137 3.65 -9.99 27.34
N ARG B 138 3.40 -10.51 26.15
CA ARG B 138 2.52 -9.84 25.23
C ARG B 138 1.12 -10.35 25.09
N TRP B 139 0.34 -9.58 24.31
CA TRP B 139 -1.06 -9.90 23.95
C TRP B 139 -0.92 -10.47 22.56
N VAL B 140 -1.56 -11.61 22.35
CA VAL B 140 -1.44 -12.31 21.09
C VAL B 140 -2.62 -12.23 20.18
N MET B 141 -2.33 -11.87 18.93
CA MET B 141 -3.33 -11.82 17.91
C MET B 141 -2.97 -13.06 17.12
N LEU B 142 -3.75 -14.12 17.34
CA LEU B 142 -3.56 -15.40 16.70
C LEU B 142 -4.40 -15.38 15.43
N LEU B 143 -3.72 -15.54 14.28
CA LEU B 143 -4.36 -15.50 12.96
C LEU B 143 -4.46 -16.83 12.20
N ASP B 144 -5.69 -17.09 11.75
CA ASP B 144 -6.05 -18.26 10.99
C ASP B 144 -7.47 -18.03 10.43
N PRO B 145 -7.52 -17.83 9.13
CA PRO B 145 -8.77 -17.55 8.40
C PRO B 145 -9.93 -18.49 8.65
N MET B 146 -9.62 -19.78 8.79
CA MET B 146 -10.66 -20.72 8.93
C MET B 146 -10.64 -21.60 10.18
N CYS B 147 -11.79 -21.82 10.75
CA CYS B 147 -11.84 -22.65 11.92
C CYS B 147 -12.94 -23.70 11.76
N ALA B 148 -12.54 -24.88 11.24
CA ALA B 148 -13.46 -26.01 10.95
C ALA B 148 -13.72 -26.88 12.18
N THR B 149 -12.76 -27.76 12.46
CA THR B 149 -12.83 -28.62 13.62
C THR B 149 -12.07 -27.97 14.78
N ALA B 150 -11.31 -26.91 14.52
CA ALA B 150 -10.57 -26.26 15.59
C ALA B 150 -9.36 -27.07 16.12
N GLY B 151 -9.04 -28.16 15.42
CA GLY B 151 -7.91 -28.97 15.84
C GLY B 151 -6.60 -28.19 15.77
N SER B 152 -6.43 -27.45 14.68
CA SER B 152 -5.24 -26.66 14.50
C SER B 152 -5.09 -25.55 15.53
N VAL B 153 -6.07 -24.66 15.60
CA VAL B 153 -5.95 -23.56 16.54
C VAL B 153 -5.77 -24.09 17.99
N CYS B 154 -6.47 -25.15 18.33
CA CYS B 154 -6.34 -25.70 19.67
C CYS B 154 -4.89 -26.05 20.01
N LYS B 155 -4.19 -26.64 19.02
CA LYS B 155 -2.80 -27.04 19.18
C LYS B 155 -1.96 -25.83 19.29
N ALA B 156 -2.26 -24.84 18.46
CA ALA B 156 -1.46 -23.64 18.48
C ALA B 156 -1.57 -22.96 19.84
N ILE B 157 -2.81 -22.87 20.35
CA ILE B 157 -3.00 -22.24 21.67
C ILE B 157 -2.21 -22.98 22.73
N GLU B 158 -2.29 -24.31 22.68
CA GLU B 158 -1.56 -25.19 23.59
C GLU B 158 -0.06 -24.89 23.66
N VAL B 159 0.56 -24.69 22.51
CA VAL B 159 1.97 -24.39 22.50
C VAL B 159 2.20 -22.97 23.03
N LEU B 160 1.30 -22.05 22.73
CA LEU B 160 1.49 -20.70 23.24
C LEU B 160 1.46 -20.74 24.75
N LEU B 161 0.50 -21.49 25.29
CA LEU B 161 0.36 -21.65 26.74
C LEU B 161 1.61 -22.26 27.38
N ARG B 162 2.21 -23.24 26.70
CA ARG B 162 3.40 -23.86 27.25
C ARG B 162 4.49 -22.87 27.32
N LEU B 163 4.44 -21.88 26.45
CA LEU B 163 5.48 -20.88 26.52
C LEU B 163 5.25 -19.83 27.61
N GLY B 164 4.06 -19.77 28.14
CA GLY B 164 3.82 -18.82 29.17
C GLY B 164 2.84 -17.72 28.82
N VAL B 165 2.25 -17.72 27.63
CA VAL B 165 1.30 -16.65 27.33
C VAL B 165 0.04 -16.86 28.12
N LYS B 166 -0.60 -15.79 28.60
CA LYS B 166 -1.84 -15.93 29.40
C LYS B 166 -2.99 -16.24 28.48
N GLU B 167 -3.80 -17.20 28.86
CA GLU B 167 -4.95 -17.58 28.03
C GLU B 167 -5.83 -16.38 27.76
N GLU B 168 -5.96 -15.54 28.77
CA GLU B 168 -6.76 -14.35 28.61
C GLU B 168 -6.24 -13.34 27.57
N ARG B 169 -4.94 -13.39 27.28
CA ARG B 169 -4.33 -12.48 26.31
C ARG B 169 -4.29 -12.96 24.85
N ILE B 170 -5.04 -14.01 24.55
CA ILE B 170 -5.05 -14.53 23.21
C ILE B 170 -6.33 -14.09 22.52
N ILE B 171 -6.17 -13.31 21.45
CA ILE B 171 -7.28 -12.82 20.64
C ILE B 171 -7.21 -13.58 19.30
N PHE B 172 -8.07 -14.58 19.18
CA PHE B 172 -8.12 -15.39 17.98
C PHE B 172 -8.90 -14.64 16.88
N VAL B 173 -8.18 -14.24 15.79
CA VAL B 173 -8.72 -13.48 14.62
C VAL B 173 -9.04 -14.46 13.46
N ASN B 174 -10.30 -14.57 13.11
CA ASN B 174 -10.68 -15.55 12.13
C ASN B 174 -11.63 -14.97 11.11
N ILE B 175 -11.57 -15.46 9.89
CA ILE B 175 -12.48 -15.00 8.87
C ILE B 175 -13.80 -15.79 8.98
N LEU B 176 -13.70 -17.10 8.78
CA LEU B 176 -14.87 -17.98 8.82
C LEU B 176 -14.78 -19.13 9.81
N ALA B 177 -15.89 -19.42 10.48
CA ALA B 177 -15.93 -20.49 11.48
C ALA B 177 -17.18 -21.36 11.39
N ALA B 178 -17.08 -22.57 11.96
CA ALA B 178 -18.18 -23.51 12.02
C ALA B 178 -18.50 -23.58 13.50
N PRO B 179 -19.75 -23.86 13.78
CA PRO B 179 -20.24 -23.94 15.16
C PRO B 179 -19.40 -24.89 16.01
N GLN B 180 -19.17 -26.09 15.49
CA GLN B 180 -18.39 -27.08 16.20
C GLN B 180 -17.05 -26.46 16.59
N GLY B 181 -16.41 -25.82 15.61
CA GLY B 181 -15.12 -25.18 15.82
C GLY B 181 -15.18 -24.28 17.00
N ILE B 182 -16.12 -23.36 16.97
CA ILE B 182 -16.26 -22.42 18.04
C ILE B 182 -16.42 -23.13 19.39
N GLU B 183 -17.35 -24.08 19.41
CA GLU B 183 -17.65 -24.83 20.61
C GLU B 183 -16.40 -25.46 21.23
N ARG B 184 -15.65 -26.21 20.42
CA ARG B 184 -14.43 -26.83 20.95
C ARG B 184 -13.47 -25.81 21.55
N VAL B 185 -13.16 -24.76 20.79
CA VAL B 185 -12.21 -23.74 21.29
C VAL B 185 -12.64 -23.23 22.65
N PHE B 186 -13.94 -23.04 22.81
CA PHE B 186 -14.41 -22.57 24.09
C PHE B 186 -14.48 -23.58 25.21
N LYS B 187 -14.59 -24.85 24.85
CA LYS B 187 -14.59 -25.92 25.84
C LYS B 187 -13.18 -26.06 26.38
N GLU B 188 -12.19 -26.00 25.48
CA GLU B 188 -10.79 -26.15 25.85
C GLU B 188 -10.11 -24.94 26.43
N TYR B 189 -10.46 -23.74 25.94
CA TYR B 189 -9.85 -22.51 26.42
C TYR B 189 -10.88 -21.44 26.52
N PRO B 190 -11.81 -21.67 27.42
CA PRO B 190 -12.89 -20.73 27.67
C PRO B 190 -12.46 -19.28 27.81
N LYS B 191 -11.21 -19.02 28.14
CA LYS B 191 -10.73 -17.65 28.31
C LYS B 191 -10.22 -16.87 27.07
N VAL B 192 -10.01 -17.50 25.92
CA VAL B 192 -9.52 -16.69 24.79
C VAL B 192 -10.62 -15.81 24.27
N ARG B 193 -10.26 -14.91 23.36
CA ARG B 193 -11.22 -14.00 22.74
C ARG B 193 -11.19 -14.34 21.22
N MET B 194 -12.36 -14.33 20.61
CA MET B 194 -12.43 -14.68 19.19
C MET B 194 -13.23 -13.68 18.37
N VAL B 195 -12.57 -13.18 17.33
CA VAL B 195 -13.22 -12.23 16.43
C VAL B 195 -13.39 -12.90 15.10
N THR B 196 -14.57 -12.80 14.54
CA THR B 196 -14.79 -13.46 13.27
C THR B 196 -15.78 -12.70 12.40
N ALA B 197 -15.71 -12.95 11.09
CA ALA B 197 -16.62 -12.32 10.12
C ALA B 197 -17.87 -13.10 9.83
N ALA B 198 -17.81 -14.41 9.99
CA ALA B 198 -18.96 -15.20 9.67
C ALA B 198 -18.96 -16.56 10.28
N VAL B 199 -20.14 -17.07 10.51
CA VAL B 199 -20.21 -18.42 10.98
C VAL B 199 -21.10 -19.21 10.05
N ASP B 200 -20.53 -20.25 9.47
CA ASP B 200 -21.27 -21.10 8.52
C ASP B 200 -22.13 -22.19 9.21
N ILE B 201 -22.84 -22.96 8.39
CA ILE B 201 -23.75 -24.00 8.89
C ILE B 201 -23.09 -25.18 9.56
N CYS B 202 -22.23 -25.85 8.81
CA CYS B 202 -21.60 -27.03 9.33
C CYS B 202 -20.38 -27.47 8.53
N LEU B 203 -19.93 -28.67 8.86
CA LEU B 203 -18.79 -29.24 8.18
C LEU B 203 -19.18 -30.31 7.18
N ASN B 204 -18.32 -30.50 6.22
CA ASN B 204 -18.53 -31.47 5.19
C ASN B 204 -18.29 -32.86 5.73
N SER B 205 -18.74 -33.84 4.94
CA SER B 205 -18.54 -35.24 5.23
C SER B 205 -16.99 -35.35 5.32
N ARG B 206 -16.28 -34.43 4.67
CA ARG B 206 -14.82 -34.39 4.70
C ARG B 206 -14.30 -33.24 5.57
N TYR B 207 -15.07 -32.78 6.54
CA TYR B 207 -14.54 -31.69 7.38
C TYR B 207 -14.26 -30.34 6.72
N TYR B 208 -15.11 -29.97 5.79
CA TYR B 208 -14.96 -28.68 5.20
C TYR B 208 -16.18 -27.91 5.66
N ILE B 209 -16.02 -26.59 5.82
CA ILE B 209 -17.09 -25.73 6.26
C ILE B 209 -18.03 -25.54 5.08
N VAL B 210 -19.32 -25.51 5.34
CA VAL B 210 -20.29 -25.32 4.29
C VAL B 210 -21.28 -24.31 4.77
N PRO B 211 -21.73 -23.45 3.86
CA PRO B 211 -21.30 -23.47 2.44
C PRO B 211 -19.79 -23.22 2.22
N GLY B 212 -19.17 -22.53 3.19
CA GLY B 212 -17.74 -22.27 3.16
C GLY B 212 -17.14 -21.36 2.06
N ILE B 213 -15.86 -21.60 1.77
CA ILE B 213 -15.08 -20.84 0.78
C ILE B 213 -14.07 -21.81 0.13
N GLY B 214 -13.87 -22.97 0.76
CA GLY B 214 -12.96 -23.98 0.22
C GLY B 214 -11.64 -23.91 0.97
N ASP B 215 -10.54 -24.23 0.32
CA ASP B 215 -9.26 -24.17 0.98
C ASP B 215 -8.69 -22.75 0.81
N PHE B 216 -8.91 -21.92 1.81
CA PHE B 216 -8.47 -20.55 1.76
C PHE B 216 -6.99 -20.37 1.36
N GLY B 217 -6.09 -21.11 2.02
CA GLY B 217 -4.64 -21.05 1.73
C GLY B 217 -4.27 -21.32 0.26
N ASP B 218 -4.96 -22.29 -0.34
CA ASP B 218 -4.71 -22.62 -1.73
C ASP B 218 -5.21 -21.48 -2.63
N ARG B 219 -6.44 -21.01 -2.34
CA ARG B 219 -7.05 -19.90 -3.06
C ARG B 219 -6.25 -18.59 -2.91
N TYR B 220 -5.75 -18.32 -1.72
CA TYR B 220 -4.99 -17.09 -1.50
C TYR B 220 -3.57 -17.11 -2.03
N PHE B 221 -2.90 -18.24 -1.97
CA PHE B 221 -1.52 -18.30 -2.45
C PHE B 221 -1.43 -18.80 -3.85
N GLY B 222 -2.56 -19.32 -4.34
CA GLY B 222 -2.64 -19.79 -5.70
C GLY B 222 -1.99 -21.11 -5.95
N THR B 223 -2.05 -22.00 -4.98
CA THR B 223 -1.49 -23.32 -5.14
C THR B 223 -2.67 -24.28 -5.13
N MET B 224 -3.62 -24.11 -6.04
CA MET B 224 -4.75 -25.02 -6.10
C MET B 224 -4.84 -25.50 -7.54
N GLN C 1 -22.57 14.45 27.43
CA GLN C 1 -22.64 15.76 26.77
C GLN C 1 -22.40 15.56 25.29
N GLU C 2 -21.34 14.83 24.99
CA GLU C 2 -21.00 14.53 23.61
C GLU C 2 -22.16 13.64 23.24
N GLU C 3 -22.42 12.67 24.11
CA GLU C 3 -23.51 11.71 23.95
C GLU C 3 -24.80 12.42 23.63
N SER C 4 -25.07 13.46 24.40
CA SER C 4 -26.28 14.25 24.19
C SER C 4 -26.25 14.93 22.82
N ILE C 5 -25.13 15.59 22.48
CA ILE C 5 -25.05 16.23 21.18
C ILE C 5 -25.23 15.11 20.11
N LEU C 6 -24.44 14.04 20.26
CA LEU C 6 -24.50 12.90 19.33
C LEU C 6 -25.92 12.43 19.13
N GLN C 7 -26.58 12.04 20.21
CA GLN C 7 -27.94 11.57 20.11
C GLN C 7 -28.87 12.58 19.42
N ASP C 8 -28.77 13.85 19.83
CA ASP C 8 -29.60 14.90 19.26
C ASP C 8 -29.46 14.99 17.75
N ILE C 9 -28.21 14.93 17.29
CA ILE C 9 -27.91 14.97 15.86
C ILE C 9 -28.61 13.77 15.26
N ILE C 10 -28.34 12.63 15.86
CA ILE C 10 -28.91 11.39 15.39
C ILE C 10 -30.42 11.39 15.30
N THR C 11 -31.12 11.87 16.34
CA THR C 11 -32.56 11.82 16.22
C THR C 11 -33.11 12.88 15.30
N ARG C 12 -32.39 13.99 15.20
CA ARG C 12 -32.81 15.08 14.34
C ARG C 12 -32.60 14.83 12.85
N PHE C 13 -31.45 14.27 12.46
CA PHE C 13 -31.19 14.06 11.04
C PHE C 13 -31.04 12.60 10.63
N PRO C 14 -32.16 11.98 10.29
CA PRO C 14 -32.15 10.58 9.90
C PRO C 14 -31.13 10.29 8.84
N ASN C 15 -30.75 11.30 8.05
CA ASN C 15 -29.77 11.06 6.98
C ASN C 15 -28.34 11.03 7.34
N VAL C 16 -28.02 11.21 8.60
CA VAL C 16 -26.64 11.14 8.88
C VAL C 16 -26.33 9.81 9.49
N VAL C 17 -25.12 9.34 9.22
CA VAL C 17 -24.67 8.11 9.79
C VAL C 17 -23.34 8.34 10.45
N LEU C 18 -23.36 8.09 11.74
CA LEU C 18 -22.22 8.26 12.60
C LEU C 18 -21.47 6.94 12.75
N MET C 19 -20.17 6.95 12.52
CA MET C 19 -19.41 5.76 12.67
C MET C 19 -19.52 5.28 14.11
N LYS C 20 -19.44 3.97 14.33
CA LYS C 20 -19.51 3.41 15.69
C LYS C 20 -18.33 3.91 16.46
N GLN C 21 -18.60 4.42 17.66
CA GLN C 21 -17.57 5.00 18.49
C GLN C 21 -16.73 4.01 19.25
N THR C 22 -15.88 3.27 18.53
CA THR C 22 -15.04 2.31 19.18
C THR C 22 -13.87 3.00 19.79
N ALA C 23 -13.22 2.30 20.72
CA ALA C 23 -12.07 2.82 21.41
C ALA C 23 -10.98 3.10 20.42
N GLN C 24 -10.82 2.22 19.43
CA GLN C 24 -9.77 2.38 18.44
C GLN C 24 -10.00 3.68 17.69
N LEU C 25 -11.25 3.90 17.29
CA LEU C 25 -11.62 5.08 16.56
C LEU C 25 -11.22 6.29 17.40
N ARG C 26 -11.57 6.25 18.67
CA ARG C 26 -11.21 7.30 19.56
C ARG C 26 -9.69 7.43 19.72
N ALA C 27 -8.96 6.32 19.68
CA ALA C 27 -7.49 6.38 19.84
C ALA C 27 -6.96 7.09 18.66
N MET C 28 -7.57 6.82 17.53
CA MET C 28 -7.16 7.44 16.34
C MET C 28 -7.38 8.97 16.38
N MET C 29 -8.60 9.37 16.65
CA MET C 29 -8.94 10.77 16.74
C MET C 29 -8.06 11.45 17.76
N THR C 30 -7.70 10.74 18.79
CA THR C 30 -6.85 11.32 19.77
C THR C 30 -5.53 11.69 19.12
N ILE C 31 -4.93 10.73 18.44
CA ILE C 31 -3.65 11.02 17.83
C ILE C 31 -3.75 12.21 16.90
N ILE C 32 -4.70 12.18 16.01
CA ILE C 32 -4.76 13.26 15.09
C ILE C 32 -5.21 14.61 15.62
N ARG C 33 -5.87 14.63 16.77
CA ARG C 33 -6.32 15.90 17.30
C ARG C 33 -5.19 16.57 18.08
N ASP C 34 -4.26 15.76 18.60
CA ASP C 34 -3.16 16.27 19.40
C ASP C 34 -2.28 17.21 18.59
N LYS C 35 -2.16 18.45 19.04
CA LYS C 35 -1.31 19.40 18.33
C LYS C 35 0.13 18.94 18.39
N GLU C 36 0.44 18.00 19.28
CA GLU C 36 1.80 17.52 19.45
C GLU C 36 2.21 16.51 18.43
N THR C 37 1.26 15.94 17.74
CA THR C 37 1.65 14.92 16.80
C THR C 37 2.39 15.30 15.54
N PRO C 38 3.47 14.59 15.27
CA PRO C 38 4.32 14.85 14.10
C PRO C 38 3.63 14.50 12.79
N LYS C 39 4.02 15.21 11.73
CA LYS C 39 3.41 15.02 10.44
C LYS C 39 3.27 13.56 10.01
N GLU C 40 4.36 12.81 10.07
CA GLU C 40 4.31 11.42 9.63
C GLU C 40 3.26 10.67 10.40
N GLU C 41 3.18 10.90 11.68
CA GLU C 41 2.17 10.20 12.40
C GLU C 41 0.78 10.62 12.00
N PHE C 42 0.56 11.93 11.99
CA PHE C 42 -0.72 12.47 11.67
C PHE C 42 -1.18 11.86 10.35
N VAL C 43 -0.27 11.84 9.39
CA VAL C 43 -0.63 11.33 8.12
C VAL C 43 -1.05 9.91 8.30
N PHE C 44 -0.20 9.13 8.99
CA PHE C 44 -0.46 7.75 9.22
C PHE C 44 -1.84 7.42 9.71
N TYR C 45 -2.15 8.00 10.85
CA TYR C 45 -3.44 7.74 11.42
C TYR C 45 -4.56 8.32 10.61
N ALA C 46 -4.35 9.48 10.00
CA ALA C 46 -5.44 10.05 9.19
C ALA C 46 -5.81 9.06 8.05
N ASP C 47 -4.80 8.51 7.38
CA ASP C 47 -5.10 7.58 6.32
C ASP C 47 -5.81 6.36 6.88
N ARG C 48 -5.38 5.91 8.05
CA ARG C 48 -6.01 4.72 8.61
C ARG C 48 -7.51 4.93 8.89
N LEU C 49 -7.82 6.08 9.45
CA LEU C 49 -9.19 6.39 9.80
C LEU C 49 -9.99 6.57 8.56
N ILE C 50 -9.38 7.19 7.53
CA ILE C 50 -10.11 7.44 6.29
C ILE C 50 -10.59 6.14 5.63
N ARG C 51 -9.73 5.12 5.69
CA ARG C 51 -10.07 3.80 5.12
C ARG C 51 -11.37 3.33 5.77
N LEU C 52 -11.40 3.30 7.08
CA LEU C 52 -12.61 2.84 7.74
C LEU C 52 -13.83 3.65 7.38
N LEU C 53 -13.68 4.97 7.42
CA LEU C 53 -14.76 5.89 7.09
C LEU C 53 -15.34 5.55 5.69
N ILE C 54 -14.44 5.42 4.73
CA ILE C 54 -14.86 5.11 3.38
C ILE C 54 -15.65 3.79 3.36
N GLU C 55 -15.11 2.78 4.04
CA GLU C 55 -15.77 1.48 4.06
C GLU C 55 -17.18 1.62 4.59
N GLU C 56 -17.28 2.49 5.59
CA GLU C 56 -18.55 2.76 6.22
C GLU C 56 -19.54 3.38 5.18
N ALA C 57 -19.07 4.43 4.51
CA ALA C 57 -19.82 5.19 3.48
C ALA C 57 -20.29 4.26 2.37
N LEU C 58 -19.39 3.41 1.88
CA LEU C 58 -19.76 2.45 0.84
C LEU C 58 -21.01 1.63 1.11
N ASN C 59 -21.44 1.52 2.35
CA ASN C 59 -22.64 0.73 2.61
C ASN C 59 -23.93 1.53 2.29
N GLU C 60 -23.82 2.82 2.00
CA GLU C 60 -25.01 3.61 1.72
C GLU C 60 -25.47 3.41 0.29
N LEU C 61 -24.62 2.75 -0.49
CA LEU C 61 -24.92 2.50 -1.88
C LEU C 61 -25.93 1.39 -1.96
N PRO C 62 -26.65 1.32 -3.08
CA PRO C 62 -27.66 0.28 -3.31
C PRO C 62 -27.03 -1.08 -3.79
N PHE C 63 -27.67 -2.19 -3.42
CA PHE C 63 -27.17 -3.53 -3.79
C PHE C 63 -28.28 -4.51 -4.19
N GLN C 64 -27.84 -5.58 -4.84
CA GLN C 64 -28.72 -6.60 -5.33
C GLN C 64 -28.38 -7.92 -4.71
N LYS C 65 -29.38 -8.75 -4.52
CA LYS C 65 -29.12 -10.06 -3.99
C LYS C 65 -28.42 -10.76 -5.12
N LYS C 66 -27.48 -11.62 -4.76
CA LYS C 66 -26.72 -12.40 -5.71
C LYS C 66 -26.44 -13.78 -5.11
N GLU C 67 -26.65 -14.81 -5.91
CA GLU C 67 -26.41 -16.15 -5.43
C GLU C 67 -25.24 -16.76 -6.20
N VAL C 68 -24.33 -17.39 -5.48
CA VAL C 68 -23.17 -18.01 -6.10
C VAL C 68 -23.07 -19.39 -5.53
N THR C 69 -22.20 -20.16 -6.14
CA THR C 69 -21.92 -21.49 -5.66
C THR C 69 -20.43 -21.56 -5.28
N THR C 70 -20.24 -22.10 -4.08
CA THR C 70 -18.98 -22.32 -3.39
C THR C 70 -18.18 -23.41 -4.10
N PRO C 71 -16.93 -23.59 -3.73
CA PRO C 71 -16.13 -24.63 -4.37
C PRO C 71 -16.55 -26.01 -3.82
N LEU C 72 -17.37 -25.99 -2.79
CA LEU C 72 -17.89 -27.17 -2.15
C LEU C 72 -19.16 -27.53 -2.89
N ASP C 73 -19.49 -26.73 -3.88
CA ASP C 73 -20.68 -26.91 -4.70
C ASP C 73 -22.03 -26.70 -4.07
N VAL C 74 -22.09 -25.84 -3.06
CA VAL C 74 -23.34 -25.53 -2.40
C VAL C 74 -23.51 -24.05 -2.62
N SER C 75 -24.75 -23.58 -2.60
CA SER C 75 -25.04 -22.17 -2.81
C SER C 75 -24.90 -21.26 -1.63
N TYR C 76 -24.61 -20.03 -1.94
CA TYR C 76 -24.50 -19.06 -0.92
C TYR C 76 -25.33 -17.96 -1.51
N HIS C 77 -25.98 -17.18 -0.66
CA HIS C 77 -26.80 -16.07 -1.12
C HIS C 77 -26.14 -14.80 -0.69
N GLY C 78 -25.61 -14.06 -1.68
CA GLY C 78 -24.86 -12.78 -1.44
C GLY C 78 -25.60 -11.55 -1.96
N VAL C 79 -24.96 -10.39 -1.93
CA VAL C 79 -25.67 -9.20 -2.38
C VAL C 79 -24.84 -8.13 -3.02
N SER C 80 -24.55 -8.34 -4.31
CA SER C 80 -23.74 -7.41 -5.11
C SER C 80 -24.19 -5.96 -5.26
N PHE C 81 -23.17 -5.10 -5.43
CA PHE C 81 -23.35 -3.66 -5.65
C PHE C 81 -23.12 -3.52 -7.14
N TYR C 82 -24.04 -2.86 -7.83
CA TYR C 82 -23.94 -2.73 -9.30
C TYR C 82 -24.02 -1.28 -9.80
N SER C 83 -24.03 -0.31 -8.90
CA SER C 83 -24.11 1.06 -9.36
C SER C 83 -22.77 1.71 -9.86
N LYS C 84 -22.88 2.80 -10.61
CA LYS C 84 -21.75 3.54 -11.15
C LYS C 84 -21.45 4.66 -10.13
N ILE C 85 -20.20 4.89 -9.83
CA ILE C 85 -19.93 5.87 -8.83
C ILE C 85 -18.68 6.63 -9.15
N CYS C 86 -18.40 7.59 -8.30
CA CYS C 86 -17.23 8.37 -8.50
C CYS C 86 -17.03 9.14 -7.21
N GLY C 87 -15.81 9.68 -7.05
CA GLY C 87 -15.51 10.47 -5.87
C GLY C 87 -15.31 11.90 -6.39
N VAL C 88 -15.59 12.87 -5.56
CA VAL C 88 -15.39 14.23 -5.97
C VAL C 88 -14.86 14.78 -4.72
N SER C 89 -13.67 15.37 -4.83
CA SER C 89 -12.99 15.94 -3.70
C SER C 89 -13.00 17.45 -3.74
N ILE C 90 -12.98 18.03 -2.56
CA ILE C 90 -12.97 19.45 -2.42
C ILE C 90 -11.51 19.79 -2.14
N VAL C 91 -10.89 20.43 -3.11
CA VAL C 91 -9.50 20.79 -2.99
C VAL C 91 -9.37 21.87 -1.98
N ARG C 92 -8.36 21.76 -1.16
CA ARG C 92 -7.43 20.66 -1.26
C ARG C 92 -7.62 19.61 -0.16
N ALA C 93 -8.20 20.01 0.96
CA ALA C 93 -8.42 19.06 2.09
C ALA C 93 -9.05 17.74 1.72
N GLY C 94 -10.03 17.76 0.81
CA GLY C 94 -10.73 16.52 0.39
C GLY C 94 -9.81 15.56 -0.37
N GLU C 95 -8.90 16.12 -1.15
CA GLU C 95 -7.94 15.35 -1.90
C GLU C 95 -7.25 14.28 -1.05
N SER C 96 -7.05 14.56 0.23
CA SER C 96 -6.43 13.64 1.19
C SER C 96 -7.20 12.33 1.28
N MET C 97 -8.50 12.35 0.98
CA MET C 97 -9.29 11.13 1.07
C MET C 97 -9.27 10.33 -0.20
N GLU C 98 -8.80 10.96 -1.24
CA GLU C 98 -8.78 10.31 -2.53
C GLU C 98 -8.07 8.92 -2.51
N SER C 99 -6.90 8.87 -1.91
CA SER C 99 -6.15 7.64 -1.88
C SER C 99 -6.90 6.54 -1.16
N GLY C 100 -7.70 6.91 -0.19
CA GLY C 100 -8.48 5.93 0.56
C GLY C 100 -9.52 5.31 -0.33
N LEU C 101 -10.22 6.16 -1.06
CA LEU C 101 -11.22 5.68 -1.95
C LEU C 101 -10.56 4.80 -3.02
N ARG C 102 -9.43 5.26 -3.52
CA ARG C 102 -8.78 4.50 -4.58
C ARG C 102 -8.25 3.18 -4.13
N ALA C 103 -7.93 3.10 -2.85
CA ALA C 103 -7.42 1.88 -2.27
C ALA C 103 -8.47 0.81 -2.32
N VAL C 104 -9.71 1.19 -2.07
CA VAL C 104 -10.80 0.23 -2.05
C VAL C 104 -11.65 0.14 -3.30
N CYS C 105 -11.61 1.18 -4.13
CA CYS C 105 -12.37 1.16 -5.36
C CYS C 105 -11.36 1.39 -6.44
N ARG C 106 -10.76 0.30 -6.91
CA ARG C 106 -9.72 0.37 -7.92
C ARG C 106 -10.11 1.21 -9.13
N GLY C 107 -9.27 2.19 -9.45
CA GLY C 107 -9.48 3.11 -10.58
C GLY C 107 -10.84 3.86 -10.61
N VAL C 108 -11.35 4.20 -9.44
CA VAL C 108 -12.62 4.89 -9.37
C VAL C 108 -12.30 6.24 -9.92
N ARG C 109 -13.24 6.78 -10.70
CA ARG C 109 -13.02 8.10 -11.30
C ARG C 109 -13.06 9.17 -10.21
N ILE C 110 -12.16 10.14 -10.28
CA ILE C 110 -12.09 11.20 -9.29
C ILE C 110 -12.31 12.58 -9.93
N GLY C 111 -13.25 13.36 -9.40
CA GLY C 111 -13.49 14.68 -9.92
C GLY C 111 -12.93 15.57 -8.84
N LYS C 112 -12.64 16.83 -9.17
CA LYS C 112 -12.12 17.78 -8.19
C LYS C 112 -12.83 19.13 -8.35
N ILE C 113 -13.06 19.78 -7.19
CA ILE C 113 -13.71 21.10 -7.12
C ILE C 113 -12.90 22.01 -6.20
N LEU C 114 -12.55 23.19 -6.68
CA LEU C 114 -11.80 24.14 -5.88
C LEU C 114 -12.64 25.36 -5.63
N ILE C 115 -13.00 25.57 -4.37
CA ILE C 115 -13.86 26.68 -3.93
C ILE C 115 -13.17 27.62 -2.96
N GLN C 116 -13.52 28.90 -2.92
CA GLN C 116 -12.90 29.81 -1.93
C GLN C 116 -13.80 30.95 -1.54
N ARG C 117 -14.00 31.15 -0.23
CA ARG C 117 -14.89 32.22 0.25
C ARG C 117 -14.31 33.58 -0.10
N ASP C 118 -15.21 34.50 -0.43
CA ASP C 118 -14.77 35.85 -0.77
C ASP C 118 -14.30 36.53 0.52
N GLU C 119 -13.16 37.21 0.43
CA GLU C 119 -12.56 37.91 1.58
C GLU C 119 -13.54 38.83 2.31
N THR C 120 -14.28 39.61 1.52
CA THR C 120 -15.25 40.56 2.05
C THR C 120 -16.62 39.96 2.26
N THR C 121 -17.16 39.51 1.15
CA THR C 121 -18.47 38.91 1.05
C THR C 121 -18.63 37.61 1.82
N ALA C 122 -17.62 36.73 1.70
CA ALA C 122 -17.61 35.41 2.34
C ALA C 122 -18.37 34.36 1.50
N GLU C 123 -18.79 34.78 0.31
CA GLU C 123 -19.50 33.89 -0.58
C GLU C 123 -18.45 32.97 -1.11
N PRO C 124 -18.67 31.67 -0.98
CA PRO C 124 -17.72 30.71 -1.45
C PRO C 124 -17.92 30.75 -2.92
N LYS C 125 -16.82 30.78 -3.65
CA LYS C 125 -16.91 30.87 -5.08
C LYS C 125 -16.18 29.73 -5.76
N LEU C 126 -16.77 29.23 -6.83
CA LEU C 126 -16.15 28.15 -7.56
C LEU C 126 -14.98 28.71 -8.36
N ILE C 127 -13.80 28.14 -8.19
CA ILE C 127 -12.62 28.59 -8.90
C ILE C 127 -12.18 27.63 -9.95
N TYR C 128 -12.49 26.36 -9.73
CA TYR C 128 -12.03 25.38 -10.68
C TYR C 128 -12.67 24.10 -10.42
N GLU C 129 -12.90 23.38 -11.51
CA GLU C 129 -13.50 22.08 -11.43
C GLU C 129 -13.15 21.21 -12.61
N LYS C 130 -13.03 19.91 -12.36
CA LYS C 130 -12.76 18.92 -13.41
C LYS C 130 -13.46 17.69 -12.90
N LEU C 131 -14.51 17.31 -13.60
CA LEU C 131 -15.37 16.19 -13.25
C LEU C 131 -15.60 15.24 -14.41
N PRO C 132 -15.94 14.01 -14.10
CA PRO C 132 -16.20 13.03 -15.15
C PRO C 132 -17.35 13.56 -15.99
N ALA C 133 -17.34 13.22 -17.25
CA ALA C 133 -18.39 13.68 -18.14
C ALA C 133 -19.82 13.26 -17.85
N ASP C 134 -20.00 12.03 -17.37
CA ASP C 134 -21.31 11.45 -17.11
C ASP C 134 -21.66 11.39 -15.65
N ILE C 135 -21.10 12.34 -14.91
CA ILE C 135 -21.35 12.42 -13.50
C ILE C 135 -22.86 12.45 -13.15
N ARG C 136 -23.68 12.94 -14.07
CA ARG C 136 -25.11 13.06 -13.82
C ARG C 136 -25.76 11.73 -13.56
N GLU C 137 -25.18 10.71 -14.16
CA GLU C 137 -25.68 9.36 -14.01
C GLU C 137 -25.06 8.61 -12.85
N ARG C 138 -24.08 9.20 -12.18
CA ARG C 138 -23.46 8.49 -11.06
C ARG C 138 -23.91 8.84 -9.66
N TRP C 139 -23.42 8.02 -8.72
CA TRP C 139 -23.63 8.20 -7.29
C TRP C 139 -22.29 8.84 -6.97
N VAL C 140 -22.33 9.86 -6.11
CA VAL C 140 -21.14 10.56 -5.73
C VAL C 140 -20.72 10.64 -4.30
N MET C 141 -19.47 10.29 -4.08
CA MET C 141 -18.91 10.34 -2.77
C MET C 141 -18.20 11.68 -2.68
N LEU C 142 -18.87 12.61 -2.05
CA LEU C 142 -18.32 13.94 -1.89
C LEU C 142 -17.36 13.88 -0.68
N LEU C 143 -16.10 14.23 -0.91
CA LEU C 143 -15.07 14.15 0.16
C LEU C 143 -14.55 15.48 0.73
N ASP C 144 -14.74 15.69 2.01
CA ASP C 144 -14.25 16.91 2.70
C ASP C 144 -14.13 16.51 4.14
N PRO C 145 -12.93 16.45 4.63
CA PRO C 145 -12.80 16.00 6.02
C PRO C 145 -13.45 16.83 7.10
N MET C 146 -13.60 18.13 6.88
CA MET C 146 -14.16 19.00 7.88
C MET C 146 -15.32 19.83 7.41
N CYS C 147 -16.39 19.82 8.19
CA CYS C 147 -17.58 20.57 7.83
C CYS C 147 -17.90 21.49 8.95
N ALA C 148 -17.48 22.74 8.79
CA ALA C 148 -17.70 23.74 9.83
C ALA C 148 -18.96 24.55 9.60
N THR C 149 -18.84 25.59 8.80
CA THR C 149 -19.99 26.41 8.49
C THR C 149 -20.73 25.72 7.39
N ALA C 150 -20.08 24.76 6.72
CA ALA C 150 -20.69 24.01 5.61
C ALA C 150 -20.87 24.79 4.27
N GLY C 151 -20.34 26.01 4.26
CA GLY C 151 -20.43 26.88 3.10
C GLY C 151 -19.87 26.19 1.89
N SER C 152 -18.67 25.67 2.04
CA SER C 152 -18.01 25.03 0.91
C SER C 152 -18.69 23.82 0.40
N VAL C 153 -19.16 22.98 1.28
CA VAL C 153 -19.81 21.81 0.78
C VAL C 153 -21.16 22.12 0.14
N CYS C 154 -21.84 23.12 0.67
CA CYS C 154 -23.14 23.44 0.07
C CYS C 154 -22.88 23.99 -1.37
N LYS C 155 -21.80 24.75 -1.54
CA LYS C 155 -21.49 25.27 -2.86
C LYS C 155 -21.13 24.10 -3.78
N ALA C 156 -20.37 23.16 -3.26
CA ALA C 156 -19.99 22.01 -4.07
C ALA C 156 -21.25 21.25 -4.46
N ILE C 157 -22.18 21.16 -3.53
CA ILE C 157 -23.39 20.44 -3.86
C ILE C 157 -24.18 21.18 -4.92
N GLU C 158 -24.27 22.50 -4.77
CA GLU C 158 -24.98 23.33 -5.73
C GLU C 158 -24.50 23.01 -7.16
N VAL C 159 -23.20 23.12 -7.40
CA VAL C 159 -22.72 22.81 -8.75
C VAL C 159 -23.02 21.38 -9.23
N LEU C 160 -22.92 20.41 -8.33
CA LEU C 160 -23.24 19.01 -8.74
C LEU C 160 -24.70 19.00 -9.21
N LEU C 161 -25.60 19.57 -8.39
CA LEU C 161 -27.00 19.62 -8.76
C LEU C 161 -27.17 20.33 -10.10
N ARG C 162 -26.44 21.43 -10.29
CA ARG C 162 -26.53 22.14 -11.53
C ARG C 162 -26.13 21.23 -12.65
N LEU C 163 -25.12 20.43 -12.38
CA LEU C 163 -24.64 19.53 -13.39
C LEU C 163 -25.59 18.43 -13.71
N GLY C 164 -26.58 18.17 -12.83
CA GLY C 164 -27.57 17.11 -13.09
C GLY C 164 -27.50 15.88 -12.15
N VAL C 165 -26.67 15.96 -11.12
CA VAL C 165 -26.55 14.85 -10.18
C VAL C 165 -27.80 14.85 -9.27
N LYS C 166 -28.38 13.69 -9.04
CA LYS C 166 -29.58 13.65 -8.21
C LYS C 166 -29.18 13.79 -6.78
N GLU C 167 -29.76 14.79 -6.12
CA GLU C 167 -29.46 15.08 -4.71
C GLU C 167 -29.38 13.83 -3.81
N GLU C 168 -30.37 12.97 -3.92
CA GLU C 168 -30.44 11.74 -3.16
C GLU C 168 -29.30 10.76 -3.54
N ARG C 169 -28.56 11.07 -4.60
CA ARG C 169 -27.45 10.21 -4.95
C ARG C 169 -26.11 10.76 -4.49
N ILE C 170 -26.14 11.73 -3.57
CA ILE C 170 -24.90 12.28 -3.07
C ILE C 170 -24.64 11.78 -1.67
N ILE C 171 -23.42 11.26 -1.46
CA ILE C 171 -22.96 10.80 -0.14
C ILE C 171 -21.75 11.62 0.30
N PHE C 172 -21.98 12.46 1.27
CA PHE C 172 -20.97 13.33 1.81
C PHE C 172 -20.22 12.53 2.85
N VAL C 173 -18.93 12.33 2.61
CA VAL C 173 -18.03 11.59 3.51
C VAL C 173 -17.16 12.59 4.29
N ASN C 174 -17.33 12.56 5.59
CA ASN C 174 -16.66 13.53 6.40
C ASN C 174 -16.03 12.96 7.66
N ILE C 175 -14.97 13.58 8.14
CA ILE C 175 -14.38 13.08 9.36
C ILE C 175 -14.99 13.79 10.61
N LEU C 176 -14.87 15.10 10.62
CA LEU C 176 -15.37 15.93 11.72
C LEU C 176 -16.38 16.99 11.25
N ALA C 177 -17.44 17.14 12.02
CA ALA C 177 -18.46 18.11 11.69
C ALA C 177 -18.93 18.90 12.92
N ALA C 178 -19.46 20.09 12.66
CA ALA C 178 -19.98 20.97 13.71
C ALA C 178 -21.47 20.90 13.52
N PRO C 179 -22.18 20.87 14.61
CA PRO C 179 -23.64 20.76 14.55
C PRO C 179 -24.21 21.80 13.63
N GLN C 180 -23.62 22.99 13.66
CA GLN C 180 -24.10 24.07 12.82
C GLN C 180 -23.99 23.73 11.32
N GLY C 181 -22.83 23.20 10.94
CA GLY C 181 -22.56 22.81 9.56
C GLY C 181 -23.55 21.71 9.19
N ILE C 182 -23.76 20.74 10.08
CA ILE C 182 -24.70 19.68 9.76
C ILE C 182 -26.11 20.25 9.46
N GLU C 183 -26.60 21.10 10.36
CA GLU C 183 -27.93 21.70 10.18
C GLU C 183 -28.06 22.44 8.86
N ARG C 184 -27.02 23.14 8.43
CA ARG C 184 -27.14 23.85 7.16
C ARG C 184 -27.28 22.92 6.00
N VAL C 185 -26.45 21.88 5.97
CA VAL C 185 -26.48 20.96 4.86
C VAL C 185 -27.88 20.37 4.68
N PHE C 186 -28.47 19.96 5.79
CA PHE C 186 -29.79 19.37 5.71
C PHE C 186 -30.92 20.37 5.49
N LYS C 187 -30.70 21.62 5.89
CA LYS C 187 -31.72 22.60 5.64
C LYS C 187 -31.73 22.79 4.11
N GLU C 188 -30.57 22.81 3.50
CA GLU C 188 -30.52 23.04 2.08
C GLU C 188 -30.70 21.90 1.15
N TYR C 189 -30.21 20.73 1.54
CA TYR C 189 -30.33 19.55 0.69
C TYR C 189 -30.68 18.34 1.52
N PRO C 190 -31.93 18.32 1.98
CA PRO C 190 -32.44 17.24 2.83
C PRO C 190 -32.27 15.82 2.33
N LYS C 191 -32.07 15.68 1.03
CA LYS C 191 -31.96 14.36 0.47
C LYS C 191 -30.56 13.75 0.40
N VAL C 192 -29.52 14.50 0.75
CA VAL C 192 -28.22 13.90 0.68
C VAL C 192 -28.01 13.02 1.93
N ARG C 193 -26.97 12.21 1.92
CA ARG C 193 -26.64 11.35 3.05
C ARG C 193 -25.27 11.79 3.55
N MET C 194 -25.07 11.79 4.84
CA MET C 194 -23.77 12.22 5.37
C MET C 194 -23.22 11.18 6.34
N VAL C 195 -21.96 10.83 6.15
CA VAL C 195 -21.30 9.87 7.01
C VAL C 195 -20.12 10.61 7.66
N THR C 196 -20.08 10.65 8.97
CA THR C 196 -18.98 11.36 9.65
C THR C 196 -18.48 10.49 10.76
N ALA C 197 -17.31 10.80 11.27
CA ALA C 197 -16.78 10.01 12.34
C ALA C 197 -16.94 10.70 13.65
N ALA C 198 -17.21 12.01 13.62
CA ALA C 198 -17.36 12.75 14.88
C ALA C 198 -17.98 14.10 14.76
N VAL C 199 -18.76 14.43 15.79
CA VAL C 199 -19.44 15.72 15.94
C VAL C 199 -18.87 16.48 17.15
N ASP C 200 -18.30 17.66 16.91
CA ASP C 200 -17.75 18.50 17.97
C ASP C 200 -18.78 19.51 18.53
N ILE C 201 -18.43 20.21 19.60
CA ILE C 201 -19.37 21.16 20.21
C ILE C 201 -19.62 22.44 19.46
N CYS C 202 -18.57 23.11 19.06
CA CYS C 202 -18.80 24.35 18.37
C CYS C 202 -17.69 24.82 17.47
N LEU C 203 -17.95 25.98 16.94
CA LEU C 203 -17.14 26.63 15.98
C LEU C 203 -16.68 27.99 16.54
N ASN C 204 -15.48 28.44 16.19
CA ASN C 204 -14.99 29.72 16.72
C ASN C 204 -15.09 30.90 15.76
N SER C 205 -14.82 32.09 16.26
CA SER C 205 -14.91 33.28 15.44
C SER C 205 -14.11 33.18 14.16
N ARG C 206 -13.06 32.36 14.15
CA ARG C 206 -12.26 32.23 12.95
C ARG C 206 -12.77 31.04 12.17
N TYR C 207 -13.84 30.43 12.67
CA TYR C 207 -14.45 29.34 11.98
C TYR C 207 -13.82 27.98 12.06
N TYR C 208 -13.16 27.75 13.16
CA TYR C 208 -12.56 26.50 13.36
C TYR C 208 -13.44 25.72 14.31
N ILE C 209 -13.57 24.42 14.07
CA ILE C 209 -14.37 23.57 14.91
C ILE C 209 -13.60 23.35 16.21
N VAL C 210 -14.31 23.31 17.32
CA VAL C 210 -13.63 23.10 18.58
C VAL C 210 -14.36 22.03 19.42
N PRO C 211 -13.62 21.24 20.19
CA PRO C 211 -12.16 21.34 20.30
C PRO C 211 -11.43 21.12 18.96
N GLY C 212 -12.11 20.56 17.98
CA GLY C 212 -11.57 20.36 16.62
C GLY C 212 -10.23 19.69 16.44
N ILE C 213 -9.58 19.99 15.31
CA ILE C 213 -8.31 19.37 14.92
C ILE C 213 -7.35 20.40 14.24
N GLY C 214 -7.83 21.62 14.09
CA GLY C 214 -7.04 22.68 13.46
C GLY C 214 -7.31 22.65 11.95
N ASP C 215 -6.36 23.12 11.16
CA ASP C 215 -6.53 23.11 9.72
C ASP C 215 -6.10 21.73 9.15
N PHE C 216 -7.08 20.88 8.81
CA PHE C 216 -6.79 19.53 8.29
C PHE C 216 -5.82 19.54 7.12
N GLY C 217 -6.14 20.41 6.16
CA GLY C 217 -5.35 20.63 4.96
C GLY C 217 -3.87 20.95 5.23
N ASP C 218 -3.54 21.95 6.04
CA ASP C 218 -2.10 22.11 6.20
C ASP C 218 -1.47 20.93 6.95
N ARG C 219 -2.22 20.40 7.94
CA ARG C 219 -1.74 19.35 8.82
C ARG C 219 -1.35 18.16 8.01
N TYR C 220 -2.27 17.78 7.15
CA TYR C 220 -2.06 16.67 6.28
C TYR C 220 -0.94 16.89 5.18
N PHE C 221 -0.98 18.02 4.49
CA PHE C 221 0.00 18.28 3.41
C PHE C 221 1.27 18.88 3.88
N GLY C 222 1.30 19.21 5.16
CA GLY C 222 2.48 19.76 5.79
C GLY C 222 2.78 21.17 5.39
N THR C 223 1.75 21.97 5.13
CA THR C 223 1.97 23.36 4.76
C THR C 223 1.67 24.28 5.93
N MET C 224 1.90 23.81 7.13
CA MET C 224 1.60 24.64 8.28
C MET C 224 2.90 25.19 8.82
N GLN D 1 38.76 -2.26 -2.79
CA GLN D 1 38.42 -3.48 -2.04
C GLN D 1 37.10 -4.15 -2.49
N GLU D 2 36.00 -3.51 -2.17
CA GLU D 2 34.73 -4.04 -2.56
C GLU D 2 34.76 -4.08 -4.10
N GLU D 3 35.37 -3.06 -4.71
CA GLU D 3 35.44 -3.03 -6.14
C GLU D 3 36.17 -4.23 -6.71
N SER D 4 37.18 -4.68 -6.03
CA SER D 4 37.94 -5.80 -6.53
C SER D 4 37.04 -6.99 -6.59
N ILE D 5 36.52 -7.31 -5.42
CA ILE D 5 35.61 -8.42 -5.25
C ILE D 5 34.53 -8.40 -6.31
N LEU D 6 33.85 -7.27 -6.41
CA LEU D 6 32.78 -7.13 -7.39
C LEU D 6 33.22 -7.47 -8.78
N GLN D 7 34.36 -6.93 -9.17
CA GLN D 7 34.87 -7.16 -10.50
C GLN D 7 35.03 -8.66 -10.81
N ASP D 8 35.63 -9.38 -9.85
CA ASP D 8 35.89 -10.81 -9.96
C ASP D 8 34.61 -11.59 -10.22
N ILE D 9 33.65 -11.37 -9.34
CA ILE D 9 32.34 -12.00 -9.36
C ILE D 9 31.65 -11.69 -10.68
N ILE D 10 31.69 -10.42 -11.04
CA ILE D 10 31.09 -9.91 -12.28
C ILE D 10 31.76 -10.60 -13.45
N THR D 11 33.06 -10.76 -13.35
CA THR D 11 33.77 -11.41 -14.41
C THR D 11 33.59 -12.93 -14.47
N ARG D 12 33.66 -13.59 -13.32
CA ARG D 12 33.54 -15.03 -13.29
C ARG D 12 32.15 -15.59 -13.38
N PHE D 13 31.18 -14.81 -12.95
CA PHE D 13 29.81 -15.26 -12.95
C PHE D 13 28.89 -14.42 -13.77
N PRO D 14 28.89 -14.76 -15.04
CA PRO D 14 28.11 -14.06 -16.02
C PRO D 14 26.61 -14.14 -15.80
N ASN D 15 26.17 -14.87 -14.80
CA ASN D 15 24.74 -14.96 -14.56
C ASN D 15 24.22 -14.18 -13.42
N VAL D 16 25.12 -13.43 -12.78
CA VAL D 16 24.68 -12.61 -11.68
C VAL D 16 24.48 -11.20 -12.18
N VAL D 17 23.48 -10.54 -11.61
CA VAL D 17 23.13 -9.21 -11.94
C VAL D 17 23.16 -8.47 -10.65
N LEU D 18 24.12 -7.58 -10.56
CA LEU D 18 24.28 -6.77 -9.38
C LEU D 18 23.39 -5.60 -9.67
N MET D 19 22.68 -5.07 -8.68
CA MET D 19 21.91 -3.90 -9.02
C MET D 19 22.79 -2.66 -8.96
N LYS D 20 22.39 -1.64 -9.70
CA LYS D 20 23.15 -0.39 -9.77
C LYS D 20 23.39 0.13 -8.39
N GLN D 21 24.64 0.30 -8.05
CA GLN D 21 24.97 0.78 -6.73
C GLN D 21 24.80 2.29 -6.63
N THR D 22 23.58 2.71 -6.39
CA THR D 22 23.27 4.12 -6.30
C THR D 22 23.45 4.57 -4.89
N ALA D 23 23.50 5.89 -4.71
CA ALA D 23 23.66 6.46 -3.39
C ALA D 23 22.42 6.11 -2.56
N GLN D 24 21.29 6.16 -3.22
CA GLN D 24 20.09 5.81 -2.54
C GLN D 24 20.18 4.35 -2.05
N LEU D 25 20.59 3.43 -2.94
CA LEU D 25 20.71 2.02 -2.60
C LEU D 25 21.59 1.92 -1.38
N ARG D 26 22.73 2.58 -1.46
CA ARG D 26 23.62 2.56 -0.36
C ARG D 26 22.98 3.09 0.91
N ALA D 27 22.37 4.26 0.86
CA ALA D 27 21.72 4.82 2.07
C ALA D 27 20.75 3.82 2.73
N MET D 28 20.01 3.13 1.88
CA MET D 28 19.05 2.12 2.31
C MET D 28 19.86 0.99 2.97
N MET D 29 20.91 0.54 2.29
CA MET D 29 21.73 -0.50 2.88
C MET D 29 22.32 0.02 4.19
N THR D 30 22.67 1.30 4.28
CA THR D 30 23.20 1.71 5.56
C THR D 30 22.22 1.67 6.74
N ILE D 31 20.97 2.00 6.48
CA ILE D 31 19.99 1.95 7.56
C ILE D 31 19.69 0.50 7.99
N ILE D 32 19.52 -0.39 7.01
CA ILE D 32 19.17 -1.77 7.34
C ILE D 32 20.32 -2.58 7.92
N ARG D 33 21.55 -2.14 7.67
CA ARG D 33 22.69 -2.83 8.22
C ARG D 33 22.97 -2.31 9.65
N ASP D 34 22.59 -1.05 9.93
CA ASP D 34 22.83 -0.47 11.23
C ASP D 34 22.22 -1.28 12.35
N LYS D 35 23.05 -1.65 13.31
CA LYS D 35 22.55 -2.42 14.44
C LYS D 35 21.65 -1.56 15.32
N GLU D 36 21.75 -0.26 15.17
CA GLU D 36 20.98 0.63 16.01
C GLU D 36 19.57 0.87 15.47
N THR D 37 19.36 0.53 14.21
CA THR D 37 18.05 0.74 13.56
C THR D 37 16.84 0.07 14.23
N PRO D 38 15.80 0.86 14.53
CA PRO D 38 14.59 0.31 15.16
C PRO D 38 13.79 -0.51 14.15
N LYS D 39 13.08 -1.50 14.65
CA LYS D 39 12.34 -2.41 13.80
C LYS D 39 11.39 -1.85 12.80
N GLU D 40 10.74 -0.77 13.16
CA GLU D 40 9.80 -0.17 12.22
C GLU D 40 10.62 0.37 11.06
N GLU D 41 11.65 1.10 11.38
CA GLU D 41 12.49 1.64 10.33
C GLU D 41 13.06 0.50 9.48
N PHE D 42 13.55 -0.54 10.16
CA PHE D 42 14.13 -1.68 9.50
C PHE D 42 13.16 -2.22 8.44
N VAL D 43 11.91 -2.48 8.86
CA VAL D 43 10.90 -2.98 7.94
C VAL D 43 10.60 -2.05 6.78
N PHE D 44 10.37 -0.76 7.05
CA PHE D 44 10.06 0.21 6.00
C PHE D 44 11.12 0.21 4.91
N TYR D 45 12.36 0.35 5.31
CA TYR D 45 13.43 0.36 4.34
C TYR D 45 13.66 -0.92 3.58
N ALA D 46 13.61 -2.07 4.26
CA ALA D 46 13.83 -3.36 3.58
C ALA D 46 12.80 -3.49 2.49
N ASP D 47 11.57 -3.18 2.86
CA ASP D 47 10.47 -3.22 1.94
C ASP D 47 10.79 -2.34 0.75
N ARG D 48 11.21 -1.11 1.02
CA ARG D 48 11.54 -0.22 -0.07
C ARG D 48 12.57 -0.83 -1.02
N LEU D 49 13.64 -1.36 -0.44
CA LEU D 49 14.71 -1.94 -1.21
C LEU D 49 14.27 -3.20 -1.92
N ILE D 50 13.44 -3.99 -1.26
CA ILE D 50 12.97 -5.21 -1.89
C ILE D 50 12.23 -4.87 -3.18
N ARG D 51 11.39 -3.84 -3.09
CA ARG D 51 10.62 -3.37 -4.22
C ARG D 51 11.54 -3.16 -5.40
N LEU D 52 12.64 -2.42 -5.20
CA LEU D 52 13.58 -2.17 -6.29
C LEU D 52 14.23 -3.43 -6.83
N LEU D 53 14.60 -4.33 -5.93
CA LEU D 53 15.24 -5.59 -6.34
C LEU D 53 14.25 -6.37 -7.20
N ILE D 54 13.00 -6.45 -6.75
CA ILE D 54 12.04 -7.19 -7.53
C ILE D 54 11.91 -6.62 -8.93
N GLU D 55 11.81 -5.28 -9.01
CA GLU D 55 11.69 -4.64 -10.30
C GLU D 55 12.91 -5.03 -11.14
N GLU D 56 14.08 -4.99 -10.54
CA GLU D 56 15.27 -5.34 -11.28
C GLU D 56 15.17 -6.79 -11.82
N ALA D 57 14.75 -7.68 -10.93
CA ALA D 57 14.65 -9.08 -11.26
C ALA D 57 13.70 -9.37 -12.43
N LEU D 58 12.55 -8.72 -12.43
CA LEU D 58 11.61 -8.98 -13.47
C LEU D 58 12.21 -8.76 -14.85
N ASN D 59 13.27 -7.95 -14.95
CA ASN D 59 13.84 -7.76 -16.27
C ASN D 59 14.44 -9.05 -16.82
N GLU D 60 14.56 -10.07 -15.99
CA GLU D 60 15.17 -11.34 -16.44
C GLU D 60 14.29 -12.25 -17.23
N LEU D 61 13.02 -11.94 -17.21
CA LEU D 61 12.06 -12.74 -17.93
C LEU D 61 12.14 -12.40 -19.39
N PRO D 62 11.58 -13.28 -20.20
CA PRO D 62 11.59 -13.11 -21.63
C PRO D 62 10.36 -12.29 -22.02
N PHE D 63 10.52 -11.45 -23.02
CA PHE D 63 9.41 -10.63 -23.49
C PHE D 63 9.36 -10.71 -25.01
N GLN D 64 8.21 -10.37 -25.58
CA GLN D 64 8.03 -10.44 -27.02
C GLN D 64 8.51 -9.19 -27.73
N LYS D 65 7.52 -8.49 -28.30
CA LYS D 65 7.65 -7.22 -28.99
C LYS D 65 6.17 -7.00 -29.26
N LYS D 66 5.69 -5.79 -29.02
CA LYS D 66 4.28 -5.46 -29.21
C LYS D 66 4.03 -4.03 -29.63
N GLU D 67 3.16 -3.88 -30.61
CA GLU D 67 2.83 -2.56 -31.13
C GLU D 67 1.44 -2.17 -30.69
N VAL D 68 1.33 -0.93 -30.23
CA VAL D 68 0.04 -0.43 -29.81
C VAL D 68 -0.18 0.90 -30.46
N THR D 69 -1.44 1.27 -30.50
CA THR D 69 -1.76 2.56 -31.07
C THR D 69 -2.17 3.48 -29.95
N THR D 70 -1.49 4.59 -29.92
CA THR D 70 -1.68 5.62 -28.94
C THR D 70 -2.99 6.42 -29.14
N PRO D 71 -3.40 7.23 -28.15
CA PRO D 71 -4.60 8.04 -28.32
C PRO D 71 -4.43 9.03 -29.44
N LEU D 72 -3.19 9.34 -29.79
CA LEU D 72 -2.95 10.26 -30.88
C LEU D 72 -3.14 9.47 -32.16
N ASP D 73 -3.61 8.24 -32.02
CA ASP D 73 -3.84 7.40 -33.19
C ASP D 73 -2.61 7.09 -34.01
N VAL D 74 -1.46 7.07 -33.37
CA VAL D 74 -0.25 6.72 -34.06
C VAL D 74 0.16 5.41 -33.36
N SER D 75 1.02 4.61 -33.99
CA SER D 75 1.41 3.37 -33.36
C SER D 75 2.73 3.50 -32.56
N TYR D 76 2.87 2.66 -31.55
CA TYR D 76 4.06 2.69 -30.71
C TYR D 76 4.68 1.29 -30.64
N HIS D 77 6.01 1.23 -30.67
CA HIS D 77 6.65 -0.06 -30.63
C HIS D 77 7.11 -0.45 -29.29
N GLY D 78 6.33 -1.33 -28.68
CA GLY D 78 6.60 -1.77 -27.34
C GLY D 78 6.95 -3.24 -27.16
N VAL D 79 6.75 -3.72 -25.95
CA VAL D 79 7.05 -5.07 -25.62
C VAL D 79 6.06 -5.53 -24.60
N SER D 80 5.95 -6.83 -24.44
CA SER D 80 5.04 -7.43 -23.51
C SER D 80 5.69 -8.72 -23.00
N PHE D 81 5.39 -9.05 -21.75
CA PHE D 81 5.94 -10.22 -21.12
C PHE D 81 4.84 -11.24 -21.13
N TYR D 82 5.17 -12.42 -21.66
CA TYR D 82 4.19 -13.50 -21.86
C TYR D 82 4.39 -14.80 -21.07
N SER D 83 5.37 -14.87 -20.18
CA SER D 83 5.60 -16.11 -19.46
C SER D 83 4.70 -16.40 -18.23
N LYS D 84 4.59 -17.69 -17.85
CA LYS D 84 3.81 -18.06 -16.67
C LYS D 84 4.90 -18.06 -15.62
N ILE D 85 4.66 -17.33 -14.54
CA ILE D 85 5.61 -17.25 -13.47
C ILE D 85 4.99 -17.55 -12.10
N CYS D 86 5.84 -17.53 -11.09
CA CYS D 86 5.39 -17.75 -9.74
C CYS D 86 6.56 -17.38 -8.87
N GLY D 87 6.30 -17.13 -7.61
CA GLY D 87 7.39 -16.79 -6.71
C GLY D 87 7.40 -17.90 -5.72
N VAL D 88 8.60 -18.21 -5.23
CA VAL D 88 8.79 -19.28 -4.25
C VAL D 88 9.69 -18.73 -3.16
N SER D 89 9.17 -18.69 -1.97
CA SER D 89 9.93 -18.16 -0.86
C SER D 89 10.49 -19.24 0.01
N ILE D 90 11.67 -18.96 0.53
CA ILE D 90 12.31 -19.88 1.43
C ILE D 90 11.91 -19.38 2.81
N VAL D 91 11.08 -20.17 3.48
CA VAL D 91 10.56 -19.81 4.79
C VAL D 91 11.67 -19.80 5.81
N ARG D 92 11.74 -18.80 6.70
CA ARG D 92 10.85 -17.63 6.85
C ARG D 92 11.32 -16.40 6.01
N ALA D 93 12.60 -16.11 6.14
CA ALA D 93 13.23 -14.98 5.46
C ALA D 93 12.78 -14.69 4.05
N GLY D 94 12.65 -15.70 3.23
CA GLY D 94 12.20 -15.46 1.88
C GLY D 94 10.82 -14.81 1.92
N GLU D 95 10.02 -15.15 2.92
CA GLU D 95 8.65 -14.60 3.03
C GLU D 95 8.56 -13.07 3.01
N SER D 96 9.50 -12.42 3.67
CA SER D 96 9.58 -10.97 3.70
C SER D 96 9.46 -10.39 2.30
N MET D 97 9.93 -11.13 1.29
CA MET D 97 9.89 -10.63 -0.09
C MET D 97 8.59 -10.79 -0.87
N GLU D 98 7.71 -11.61 -0.33
CA GLU D 98 6.43 -11.88 -0.96
C GLU D 98 5.58 -10.65 -1.16
N SER D 99 5.59 -9.74 -0.19
CA SER D 99 4.78 -8.53 -0.28
C SER D 99 5.24 -7.71 -1.45
N GLY D 100 6.54 -7.68 -1.65
CA GLY D 100 7.06 -6.90 -2.75
C GLY D 100 6.62 -7.47 -4.09
N LEU D 101 6.68 -8.79 -4.22
CA LEU D 101 6.34 -9.42 -5.49
C LEU D 101 4.88 -9.27 -5.80
N ARG D 102 4.04 -9.46 -4.78
CA ARG D 102 2.59 -9.30 -4.93
C ARG D 102 2.24 -7.86 -5.25
N ALA D 103 3.08 -6.93 -4.79
CA ALA D 103 2.86 -5.50 -5.01
C ALA D 103 2.95 -5.17 -6.47
N VAL D 104 3.90 -5.77 -7.16
CA VAL D 104 4.10 -5.48 -8.59
C VAL D 104 3.46 -6.46 -9.54
N CYS D 105 3.12 -7.63 -9.02
CA CYS D 105 2.50 -8.70 -9.81
C CYS D 105 1.22 -9.16 -9.06
N ARG D 106 0.12 -8.43 -9.23
CA ARG D 106 -1.12 -8.76 -8.57
C ARG D 106 -1.51 -10.24 -8.73
N GLY D 107 -1.82 -10.88 -7.61
CA GLY D 107 -2.23 -12.28 -7.62
C GLY D 107 -1.22 -13.33 -8.12
N VAL D 108 0.07 -12.99 -8.17
CA VAL D 108 1.07 -13.96 -8.63
C VAL D 108 1.03 -15.15 -7.68
N ARG D 109 1.22 -16.33 -8.24
CA ARG D 109 1.20 -17.52 -7.43
C ARG D 109 2.45 -17.55 -6.57
N ILE D 110 2.25 -17.98 -5.34
CA ILE D 110 3.35 -18.09 -4.37
C ILE D 110 3.50 -19.51 -3.77
N GLY D 111 4.65 -20.15 -4.02
CA GLY D 111 4.98 -21.46 -3.44
C GLY D 111 5.89 -21.21 -2.21
N LYS D 112 5.84 -22.11 -1.24
CA LYS D 112 6.68 -21.98 -0.04
C LYS D 112 7.48 -23.28 0.18
N ILE D 113 8.73 -23.11 0.63
CA ILE D 113 9.64 -24.25 0.92
C ILE D 113 10.38 -24.00 2.25
N LEU D 114 10.13 -24.85 3.23
CA LEU D 114 10.79 -24.69 4.51
C LEU D 114 11.92 -25.67 4.59
N ILE D 115 13.14 -25.15 4.54
CA ILE D 115 14.30 -26.00 4.65
C ILE D 115 14.95 -25.75 5.98
N GLN D 116 15.39 -26.83 6.65
CA GLN D 116 16.02 -26.65 7.96
C GLN D 116 17.24 -27.55 8.18
N ARG D 117 18.28 -26.99 8.77
CA ARG D 117 19.49 -27.77 9.03
C ARG D 117 19.36 -28.63 10.28
N ASP D 118 19.62 -29.93 10.15
CA ASP D 118 19.57 -30.84 11.27
C ASP D 118 20.44 -30.28 12.37
N GLU D 119 19.88 -30.17 13.57
CA GLU D 119 20.61 -29.59 14.70
C GLU D 119 21.90 -30.21 15.14
N THR D 120 22.16 -31.42 14.70
CA THR D 120 23.39 -32.09 15.09
C THR D 120 24.26 -32.21 13.86
N THR D 121 23.58 -32.76 12.87
CA THR D 121 24.12 -33.04 11.58
C THR D 121 24.42 -31.84 10.71
N ALA D 122 23.77 -30.72 10.99
CA ALA D 122 24.04 -29.53 10.22
C ALA D 122 23.56 -29.54 8.79
N GLU D 123 22.89 -30.60 8.38
CA GLU D 123 22.42 -30.58 7.03
C GLU D 123 20.99 -30.17 6.71
N PRO D 124 20.86 -29.63 5.53
CA PRO D 124 19.59 -29.15 5.03
C PRO D 124 18.65 -30.28 4.77
N LYS D 125 17.47 -30.15 5.31
CA LYS D 125 16.45 -31.15 5.08
C LYS D 125 15.25 -30.36 4.70
N LEU D 126 14.49 -30.90 3.75
CA LEU D 126 13.28 -30.23 3.34
C LEU D 126 12.26 -30.62 4.40
N ILE D 127 11.70 -29.62 5.08
CA ILE D 127 10.72 -29.87 6.13
C ILE D 127 9.30 -29.73 5.64
N TYR D 128 9.04 -28.77 4.77
CA TYR D 128 7.67 -28.54 4.30
C TYR D 128 7.72 -27.74 3.03
N GLU D 129 6.79 -28.05 2.14
CA GLU D 129 6.68 -27.39 0.86
C GLU D 129 5.23 -27.38 0.38
N LYS D 130 4.85 -26.30 -0.28
CA LYS D 130 3.51 -26.18 -0.79
C LYS D 130 3.67 -25.32 -2.05
N LEU D 131 3.68 -25.97 -3.20
CA LEU D 131 3.88 -25.29 -4.49
C LEU D 131 2.73 -25.46 -5.45
N PRO D 132 2.69 -24.59 -6.43
CA PRO D 132 1.67 -24.65 -7.46
C PRO D 132 1.81 -25.94 -8.23
N ALA D 133 0.68 -26.52 -8.55
CA ALA D 133 0.66 -27.75 -9.30
C ALA D 133 1.43 -27.78 -10.60
N ASP D 134 1.46 -26.68 -11.34
CA ASP D 134 2.12 -26.70 -12.63
C ASP D 134 3.41 -25.96 -12.62
N ILE D 135 4.04 -25.91 -11.46
CA ILE D 135 5.27 -25.15 -11.34
C ILE D 135 6.28 -25.61 -12.34
N ARG D 136 6.15 -26.85 -12.76
CA ARG D 136 7.10 -27.36 -13.76
C ARG D 136 7.08 -26.50 -15.05
N GLU D 137 5.93 -25.90 -15.35
CA GLU D 137 5.78 -25.09 -16.56
C GLU D 137 6.00 -23.59 -16.41
N ARG D 138 6.59 -23.15 -15.30
CA ARG D 138 6.80 -21.73 -15.13
C ARG D 138 8.17 -21.24 -14.75
N TRP D 139 8.31 -19.93 -14.78
CA TRP D 139 9.54 -19.29 -14.36
C TRP D 139 9.39 -19.12 -12.87
N VAL D 140 10.44 -19.47 -12.16
CA VAL D 140 10.45 -19.38 -10.73
C VAL D 140 11.33 -18.22 -10.20
N MET D 141 10.67 -17.33 -9.46
CA MET D 141 11.30 -16.23 -8.77
C MET D 141 11.59 -16.86 -7.39
N LEU D 142 12.83 -17.27 -7.17
CA LEU D 142 13.22 -17.87 -5.92
C LEU D 142 13.62 -16.75 -5.00
N LEU D 143 13.01 -16.69 -3.82
CA LEU D 143 13.26 -15.62 -2.84
C LEU D 143 13.92 -15.94 -1.49
N ASP D 144 15.07 -15.32 -1.28
CA ASP D 144 15.80 -15.53 -0.05
C ASP D 144 16.80 -14.35 0.07
N PRO D 145 16.54 -13.46 1.04
CA PRO D 145 17.38 -12.27 1.25
C PRO D 145 18.88 -12.49 1.40
N MET D 146 19.26 -13.58 2.04
CA MET D 146 20.63 -13.83 2.27
C MET D 146 21.16 -15.08 1.68
N CYS D 147 22.42 -15.00 1.27
CA CYS D 147 23.10 -16.09 0.69
C CYS D 147 24.51 -16.20 1.26
N ALA D 148 24.69 -17.03 2.30
CA ALA D 148 25.99 -17.21 2.97
C ALA D 148 26.77 -18.41 2.39
N THR D 149 26.47 -19.61 2.87
CA THR D 149 27.15 -20.80 2.37
C THR D 149 26.41 -21.35 1.17
N ALA D 150 25.17 -20.93 0.99
CA ALA D 150 24.35 -21.37 -0.15
C ALA D 150 23.78 -22.74 0.09
N GLY D 151 23.87 -23.19 1.34
CA GLY D 151 23.34 -24.51 1.68
C GLY D 151 21.83 -24.58 1.40
N SER D 152 21.09 -23.68 2.03
CA SER D 152 19.65 -23.65 1.88
C SER D 152 19.20 -23.43 0.47
N VAL D 153 19.73 -22.40 -0.17
CA VAL D 153 19.30 -22.19 -1.55
C VAL D 153 19.61 -23.41 -2.45
N CYS D 154 20.75 -24.02 -2.24
CA CYS D 154 21.06 -25.16 -3.06
C CYS D 154 20.04 -26.29 -2.89
N LYS D 155 19.63 -26.54 -1.65
CA LYS D 155 18.65 -27.56 -1.42
C LYS D 155 17.32 -27.15 -2.05
N ALA D 156 16.94 -25.88 -1.90
CA ALA D 156 15.67 -25.41 -2.47
C ALA D 156 15.71 -25.68 -3.95
N ILE D 157 16.82 -25.34 -4.59
CA ILE D 157 16.91 -25.62 -6.02
C ILE D 157 16.75 -27.11 -6.35
N GLU D 158 17.43 -27.98 -5.58
CA GLU D 158 17.32 -29.42 -5.79
C GLU D 158 15.85 -29.86 -5.75
N VAL D 159 15.10 -29.40 -4.76
CA VAL D 159 13.74 -29.82 -4.77
C VAL D 159 12.96 -29.33 -6.00
N LEU D 160 13.17 -28.08 -6.39
CA LEU D 160 12.49 -27.55 -7.55
C LEU D 160 12.77 -28.42 -8.80
N LEU D 161 14.05 -28.77 -8.96
CA LEU D 161 14.48 -29.58 -10.09
C LEU D 161 13.81 -30.98 -10.13
N ARG D 162 13.56 -31.52 -8.96
CA ARG D 162 12.94 -32.82 -8.83
C ARG D 162 11.49 -32.78 -9.22
N LEU D 163 10.92 -31.59 -9.22
CA LEU D 163 9.54 -31.43 -9.58
C LEU D 163 9.44 -31.15 -11.06
N GLY D 164 10.57 -30.98 -11.72
CA GLY D 164 10.54 -30.73 -13.15
C GLY D 164 10.75 -29.29 -13.58
N VAL D 165 11.09 -28.41 -12.65
CA VAL D 165 11.35 -27.03 -13.01
C VAL D 165 12.62 -27.03 -13.87
N LYS D 166 12.71 -26.16 -14.87
CA LYS D 166 13.92 -26.13 -15.71
C LYS D 166 14.97 -25.23 -15.02
N GLU D 167 16.19 -25.73 -14.81
CA GLU D 167 17.24 -24.91 -14.15
C GLU D 167 17.36 -23.45 -14.73
N GLU D 168 17.38 -23.39 -16.04
CA GLU D 168 17.49 -22.14 -16.69
C GLU D 168 16.25 -21.25 -16.45
N ARG D 169 15.26 -21.72 -15.72
CA ARG D 169 14.07 -20.90 -15.48
C ARG D 169 13.91 -20.36 -14.07
N ILE D 170 14.95 -20.53 -13.27
CA ILE D 170 14.92 -20.07 -11.91
C ILE D 170 15.69 -18.78 -11.83
N ILE D 171 15.10 -17.80 -11.18
CA ILE D 171 15.77 -16.52 -11.00
C ILE D 171 15.87 -16.38 -9.51
N PHE D 172 17.08 -16.47 -9.00
CA PHE D 172 17.34 -16.37 -7.58
C PHE D 172 17.44 -14.87 -7.26
N VAL D 173 16.46 -14.38 -6.49
CA VAL D 173 16.37 -12.97 -6.06
C VAL D 173 16.91 -12.85 -4.61
N ASN D 174 17.98 -12.07 -4.43
CA ASN D 174 18.65 -12.00 -3.17
C ASN D 174 19.05 -10.59 -2.78
N ILE D 175 19.14 -10.32 -1.49
CA ILE D 175 19.55 -8.99 -1.10
C ILE D 175 21.07 -8.94 -0.92
N LEU D 176 21.58 -9.79 -0.04
CA LEU D 176 22.99 -9.82 0.28
C LEU D 176 23.57 -11.20 0.09
N ALA D 177 24.77 -11.23 -0.49
CA ALA D 177 25.47 -12.48 -0.75
C ALA D 177 26.96 -12.44 -0.38
N ALA D 178 27.51 -13.61 -0.07
CA ALA D 178 28.93 -13.75 0.22
C ALA D 178 29.49 -14.40 -1.05
N PRO D 179 30.74 -14.10 -1.39
CA PRO D 179 31.35 -14.66 -2.61
C PRO D 179 31.23 -16.16 -2.66
N GLN D 180 31.57 -16.79 -1.54
CA GLN D 180 31.53 -18.22 -1.50
C GLN D 180 30.17 -18.80 -1.84
N GLY D 181 29.10 -18.17 -1.37
CA GLY D 181 27.74 -18.64 -1.68
C GLY D 181 27.51 -18.54 -3.19
N ILE D 182 27.85 -17.41 -3.76
CA ILE D 182 27.69 -17.25 -5.18
C ILE D 182 28.44 -18.33 -5.96
N GLU D 183 29.68 -18.55 -5.56
CA GLU D 183 30.53 -19.54 -6.18
C GLU D 183 29.89 -20.92 -6.06
N ARG D 184 29.39 -21.23 -4.90
CA ARG D 184 28.77 -22.53 -4.79
C ARG D 184 27.55 -22.71 -5.67
N VAL D 185 26.64 -21.73 -5.65
CA VAL D 185 25.40 -21.82 -6.46
C VAL D 185 25.74 -22.18 -7.90
N PHE D 186 26.70 -21.44 -8.42
CA PHE D 186 27.10 -21.66 -9.76
C PHE D 186 27.82 -22.95 -10.04
N LYS D 187 28.57 -23.43 -9.08
CA LYS D 187 29.23 -24.73 -9.22
C LYS D 187 28.07 -25.75 -9.44
N GLU D 188 27.09 -25.77 -8.54
CA GLU D 188 26.02 -26.72 -8.70
C GLU D 188 24.94 -26.45 -9.76
N TYR D 189 24.59 -25.20 -9.98
CA TYR D 189 23.54 -24.93 -10.95
C TYR D 189 23.95 -23.75 -11.74
N PRO D 190 24.86 -24.00 -12.65
CA PRO D 190 25.44 -22.98 -13.52
C PRO D 190 24.44 -22.26 -14.39
N LYS D 191 23.27 -22.83 -14.61
CA LYS D 191 22.28 -22.17 -15.44
C LYS D 191 21.21 -21.26 -14.75
N VAL D 192 21.23 -21.11 -13.42
CA VAL D 192 20.22 -20.25 -12.82
C VAL D 192 20.71 -18.81 -13.01
N ARG D 193 19.86 -17.85 -12.61
CA ARG D 193 20.23 -16.43 -12.75
C ARG D 193 20.11 -15.91 -11.38
N MET D 194 20.99 -15.02 -11.03
CA MET D 194 20.93 -14.48 -9.71
C MET D 194 20.92 -12.94 -9.76
N VAL D 195 19.94 -12.34 -9.06
CA VAL D 195 19.90 -10.89 -8.99
C VAL D 195 20.16 -10.57 -7.53
N THR D 196 21.07 -9.65 -7.26
CA THR D 196 21.33 -9.33 -5.87
C THR D 196 21.69 -7.84 -5.73
N ALA D 197 21.58 -7.31 -4.51
CA ALA D 197 21.90 -5.88 -4.25
C ALA D 197 23.25 -5.59 -3.67
N ALA D 198 23.84 -6.57 -3.00
CA ALA D 198 25.16 -6.34 -2.44
C ALA D 198 25.98 -7.63 -2.33
N VAL D 199 27.28 -7.46 -2.39
CA VAL D 199 28.08 -8.62 -2.23
C VAL D 199 29.02 -8.27 -1.10
N ASP D 200 28.96 -9.05 -0.02
CA ASP D 200 29.85 -8.81 1.10
C ASP D 200 31.26 -9.39 0.97
N ILE D 201 32.11 -9.16 1.96
CA ILE D 201 33.47 -9.63 1.83
C ILE D 201 33.68 -11.09 2.18
N CYS D 202 33.01 -11.57 3.21
CA CYS D 202 33.23 -12.95 3.57
C CYS D 202 32.32 -13.40 4.70
N LEU D 203 32.45 -14.67 5.09
CA LEU D 203 31.64 -15.22 6.17
C LEU D 203 32.53 -15.21 7.36
N ASN D 204 31.94 -15.17 8.54
CA ASN D 204 32.75 -15.23 9.72
C ASN D 204 32.64 -16.61 10.38
N SER D 205 33.40 -16.82 11.45
CA SER D 205 33.44 -18.12 12.15
C SER D 205 32.09 -18.82 12.31
N ARG D 206 31.06 -18.05 12.63
CA ARG D 206 29.74 -18.62 12.80
C ARG D 206 28.98 -18.65 11.45
N TYR D 207 29.69 -18.45 10.36
CA TYR D 207 29.08 -18.45 9.03
C TYR D 207 28.12 -17.32 8.87
N TYR D 208 28.49 -16.18 9.42
CA TYR D 208 27.66 -15.04 9.25
C TYR D 208 28.32 -14.19 8.19
N ILE D 209 27.51 -13.54 7.38
CA ILE D 209 28.07 -12.69 6.36
C ILE D 209 28.58 -11.42 7.03
N VAL D 210 29.78 -10.99 6.62
CA VAL D 210 30.41 -9.79 7.15
C VAL D 210 30.87 -8.84 6.03
N PRO D 211 30.68 -7.56 6.25
CA PRO D 211 30.12 -6.98 7.48
C PRO D 211 28.71 -7.43 7.79
N GLY D 212 28.00 -7.87 6.76
CA GLY D 212 26.64 -8.42 6.93
C GLY D 212 25.50 -7.52 7.41
N ILE D 213 24.43 -8.18 7.88
CA ILE D 213 23.19 -7.55 8.30
C ILE D 213 22.62 -8.13 9.57
N GLY D 214 23.21 -9.23 10.04
CA GLY D 214 22.71 -9.89 11.24
C GLY D 214 21.80 -10.98 10.72
N ASP D 215 20.78 -11.36 11.48
CA ASP D 215 19.84 -12.40 11.02
C ASP D 215 18.62 -11.72 10.42
N PHE D 216 18.58 -11.65 9.10
CA PHE D 216 17.50 -10.97 8.39
C PHE D 216 16.10 -11.31 8.90
N GLY D 217 15.82 -12.60 8.96
CA GLY D 217 14.52 -13.14 9.40
C GLY D 217 14.12 -12.66 10.79
N ASP D 218 15.08 -12.55 11.69
CA ASP D 218 14.79 -12.10 13.04
C ASP D 218 14.53 -10.59 13.09
N ARG D 219 15.35 -9.82 12.36
CA ARG D 219 15.21 -8.37 12.32
C ARG D 219 13.94 -7.97 11.57
N TYR D 220 13.60 -8.68 10.50
CA TYR D 220 12.40 -8.35 9.77
C TYR D 220 11.11 -8.74 10.48
N PHE D 221 11.05 -9.92 11.11
CA PHE D 221 9.80 -10.33 11.79
C PHE D 221 9.70 -9.94 13.23
N GLY D 222 10.85 -9.53 13.77
CA GLY D 222 10.95 -9.07 15.15
C GLY D 222 10.97 -10.19 16.17
N THR D 223 11.67 -11.27 15.87
CA THR D 223 11.77 -12.38 16.80
C THR D 223 13.23 -12.41 17.21
N MET D 224 13.82 -11.24 17.27
CA MET D 224 15.20 -11.04 17.64
C MET D 224 15.62 -11.79 18.90
P PO4 E . 10.68 18.46 7.49
O1 PO4 E . 12.04 18.57 7.43
O2 PO4 E . 10.23 17.42 8.39
O3 PO4 E . 10.32 19.77 8.17
O4 PO4 E . 10.11 18.26 6.10
N1 U5P F . -0.31 17.46 -20.73
C2 U5P F . -1.11 16.34 -20.91
N3 U5P F . -0.98 15.78 -22.17
C4 U5P F . -0.02 16.08 -23.13
C5 U5P F . 0.81 17.21 -22.82
C6 U5P F . 0.66 17.82 -21.65
O2 U5P F . -1.96 15.98 -20.11
O4 U5P F . 0.08 15.41 -24.16
C1' U5P F . -0.32 18.13 -19.42
C2' U5P F . 1.07 18.09 -18.77
O2' U5P F . 1.06 17.25 -17.64
C3' U5P F . 1.40 19.54 -18.42
C4' U5P F . 0.32 20.40 -19.09
O3' U5P F . 1.40 19.75 -17.01
O4' U5P F . -0.68 19.49 -19.62
C5' U5P F . 0.79 21.35 -20.18
O5' U5P F . 2.08 20.99 -20.67
P U5P F . 3.01 22.10 -21.35
O1P U5P F . 2.44 22.47 -22.67
O2P U5P F . 3.28 23.15 -20.34
O3P U5P F . 4.40 21.60 -21.30
P PO4 G . 7.61 -3.47 21.40
O1 PO4 G . 7.44 -4.27 20.18
O2 PO4 G . 7.73 -2.10 21.00
O3 PO4 G . 6.39 -3.62 22.26
O4 PO4 G . 8.83 -3.89 22.17
N1 U5P H . -9.51 -25.31 6.31
C2 U5P H . -9.67 -24.88 5.02
N3 U5P H . -10.96 -24.89 4.55
C4 U5P H . -12.08 -25.34 5.20
C5 U5P H . -11.85 -25.82 6.54
C6 U5P H . -10.60 -25.77 7.04
O2 U5P H . -8.76 -24.38 4.36
O4 U5P H . -13.17 -25.33 4.64
C1' U5P H . -8.13 -25.27 6.93
C2' U5P H . -7.98 -24.25 8.06
O2' U5P H . -7.46 -23.03 7.56
C3' U5P H . -7.03 -24.93 9.06
C4' U5P H . -7.00 -26.41 8.66
O3' U5P H . -5.72 -24.37 9.00
O4' U5P H . -7.85 -26.53 7.48
C5' U5P H . -7.54 -27.32 9.73
O5' U5P H . -8.76 -26.78 10.23
P U5P H . -9.42 -27.44 11.52
O1P U5P H . -10.24 -28.58 11.09
O2P U5P H . -8.34 -27.62 12.54
O3P U5P H . -10.03 -26.34 12.30
P PO4 I . -17.36 3.05 -14.59
O1 PO4 I . -18.70 3.08 -13.92
O2 PO4 I . -17.54 3.28 -16.04
O3 PO4 I . -16.50 4.08 -13.97
O4 PO4 I . -16.72 1.77 -14.42
N1 U5P J . -11.59 23.45 7.86
C2 U5P J . -10.43 23.22 8.55
N3 U5P J . -10.59 23.18 9.92
C4 U5P J . -11.73 23.50 10.64
C5 U5P J . -12.88 23.80 9.83
C6 U5P J . -12.76 23.78 8.50
O2 U5P J . -9.39 22.84 8.03
O4 U5P J . -11.71 23.50 11.86
C1' U5P J . -11.54 23.52 6.36
C2' U5P J . -12.39 22.43 5.70
O2' U5P J . -11.60 21.30 5.36
C3' U5P J . -13.00 23.13 4.46
C4' U5P J . -12.81 24.62 4.72
O3' U5P J . -12.34 22.74 3.25
O4' U5P J . -12.10 24.75 5.98
C5' U5P J . -14.12 25.40 4.78
O5' U5P J . -15.02 24.81 5.72
P U5P J . -16.55 25.24 5.89
O1P U5P J . -16.64 26.33 6.88
O2P U5P J . -17.11 25.45 4.54
O3P U5P J . -17.34 23.99 6.12
P PO4 K . -1.36 -17.80 -14.34
O1 PO4 K . -2.25 -18.97 -14.45
O2 PO4 K . -0.21 -17.94 -15.31
O3 PO4 K . -2.11 -16.55 -14.64
O4 PO4 K . -0.85 -17.70 -12.96
N1 U5P L . 21.21 -16.08 7.07
C2 U5P L . 21.02 -14.94 7.84
N3 U5P L . 22.14 -14.17 8.01
C4 U5P L . 23.41 -14.42 7.51
C5 U5P L . 23.53 -15.63 6.73
C6 U5P L . 22.46 -16.39 6.54
O2 U5P L . 19.93 -14.62 8.32
O4 U5P L . 24.34 -13.64 7.74
C1' U5P L . 20.02 -16.98 6.79
C2' U5P L . 19.65 -17.04 5.31
O2' U5P L . 18.56 -16.19 5.04
C3' U5P L . 19.32 -18.53 5.06
C4' U5P L . 19.96 -19.28 6.22
O3' U5P L . 17.92 -18.77 5.03
O4' U5P L . 20.41 -18.29 7.18
C5' U5P L . 21.14 -20.16 5.83
O5' U5P L . 21.82 -19.61 4.70
P U5P L . 22.92 -20.40 3.87
O1P U5P L . 24.09 -20.61 4.75
O2P U5P L . 22.27 -21.56 3.23
O3P U5P L . 23.11 -19.69 2.58
#